data_6TD2
#
_entry.id   6TD2
#
_cell.length_a   78.957
_cell.length_b   111.957
_cell.length_c   227.429
_cell.angle_alpha   90.000
_cell.angle_beta   90.000
_cell.angle_gamma   90.000
#
_symmetry.space_group_name_H-M   'P 21 21 21'
#
loop_
_entity.id
_entity.type
_entity.pdbx_description
1 polymer Acetylcholinesterase
2 non-polymer 2-acetamido-2-deoxy-beta-D-glucopyranose
3 non-polymer ~{N}-[2-(diethylamino)ethyl]-1-[4-(trifluoromethyl)phenyl]methanesulfonamide
4 non-polymer 1,2-ETHANEDIOL
5 non-polymer 2-(2-METHOXYETHOXY)ETHANOL
6 non-polymer 2-{2-[2-(2-{2-[2-(2-ETHOXY-ETHOXY)-ETHOXY]-ETHOXY}-ETHOXY)-ETHOXY]-ETHOXY}-ETHANOL
7 non-polymer 2-{2-[2-2-(METHOXY-ETHOXY)-ETHOXY]-ETHOXY}-ETHANOL
8 water water
#
_entity_poly.entity_id   1
_entity_poly.type   'polypeptide(L)'
_entity_poly.pdbx_seq_one_letter_code
;EGREDPQLLVRVRGGQLRGIRLKAPGGPVSAFLGIPFAEPPVGSRRFMPPEPKRPWSGVLDATTFQNVCYQYVDTLYPGF
EGTEMWNPNRELSEDCLYLNVWTPYPRPASPTPVLIWIYGGGFYSGAASLDVYDGRFLAQVEGAVLVSMNYRVGTFGFLA
LPGSREAPGNVGLLDQRLALQWVQENIAAFGGDPMSVTLFGESAGAASVGMHILSLPSRSLFHRAVLQSGTPNGPWATVS
AGEARRRATLLARLVGCPPGGAGGNDTELIACLRTRPAQDLVDHEWHVLPQESIFRFSFVPVVDGDFLSDTPEALINTGD
FQDLQVLVGVVKDEGSYFLVYGVPGFSKDNESLISRAQFLAGVRIGVPQASDLAAEAVVLHYTDWLHPEDPTHLRDAMSA
VVGDHNVVCPVAQLAGRLAAQGARVYAYIFEHRASTLTWPLWMGVPHGYEIEFIFGLPLDPSLNYTTEERIFAQRLMKYW
TNFARTGDPNDPRDSKSPQWPPYTTAAQQYVSLNLKPLEVRRGLRAQTCAFWNRFLPKLLSAT
;
_entity_poly.pdbx_strand_id   A,B
#
# COMPACT_ATOMS: atom_id res chain seq x y z
N GLU A 1 56.03 30.56 29.61
CA GLU A 1 55.38 30.40 28.31
C GLU A 1 56.22 31.07 27.23
N GLY A 2 56.73 32.27 27.56
CA GLY A 2 57.66 33.00 26.73
C GLY A 2 57.17 33.48 25.38
N ARG A 3 57.39 32.65 24.34
CA ARG A 3 57.31 33.10 22.96
C ARG A 3 56.27 32.34 22.15
N GLU A 4 55.21 31.85 22.79
CA GLU A 4 54.15 31.18 22.07
C GLU A 4 53.13 32.19 21.55
N ASP A 5 52.21 31.71 20.73
CA ASP A 5 51.06 32.52 20.32
C ASP A 5 50.16 32.71 21.52
N PRO A 6 49.91 33.94 21.98
CA PRO A 6 49.04 34.14 23.15
C PRO A 6 47.57 33.96 22.88
N GLN A 7 47.17 33.58 21.67
CA GLN A 7 45.76 33.26 21.47
C GLN A 7 45.51 31.76 21.50
N LEU A 8 46.54 30.94 21.76
CA LEU A 8 46.43 29.50 21.76
C LEU A 8 46.60 28.89 23.15
N LEU A 9 46.70 29.71 24.20
CA LEU A 9 46.80 29.20 25.57
C LEU A 9 45.49 29.48 26.32
N VAL A 10 44.89 28.41 26.85
CA VAL A 10 43.58 28.47 27.52
C VAL A 10 43.61 27.56 28.74
N ARG A 11 43.02 28.01 29.84
CA ARG A 11 42.84 27.17 31.03
C ARG A 11 41.42 26.61 31.07
N VAL A 12 41.32 25.31 31.39
CA VAL A 12 40.05 24.67 31.69
C VAL A 12 40.13 24.07 33.08
N ARG A 13 39.01 23.49 33.54
CA ARG A 13 38.95 23.01 34.92
C ARG A 13 40.04 22.00 35.25
N GLY A 14 40.59 21.33 34.24
CA GLY A 14 41.55 20.27 34.46
C GLY A 14 42.98 20.75 34.36
N GLY A 15 43.21 21.91 33.75
CA GLY A 15 44.55 22.44 33.63
C GLY A 15 44.67 23.33 32.40
N GLN A 16 45.91 23.56 31.99
CA GLN A 16 46.23 24.44 30.88
C GLN A 16 46.30 23.67 29.57
N LEU A 17 45.89 24.33 28.48
CA LEU A 17 45.96 23.71 27.16
C LEU A 17 46.67 24.64 26.19
N ARG A 18 47.45 24.04 25.28
CA ARG A 18 48.01 24.76 24.14
C ARG A 18 47.39 24.21 22.86
N GLY A 19 46.59 25.03 22.19
CA GLY A 19 46.01 24.68 20.91
C GLY A 19 46.89 25.03 19.72
N ILE A 20 46.25 25.05 18.55
CA ILE A 20 46.94 25.11 17.27
C ILE A 20 46.21 26.12 16.38
N ARG A 21 46.97 26.79 15.51
CA ARG A 21 46.42 27.81 14.62
C ARG A 21 46.37 27.23 13.20
N LEU A 22 45.20 26.71 12.82
CA LEU A 22 44.99 26.02 11.54
C LEU A 22 44.56 26.96 10.43
N LYS A 23 44.97 26.65 9.20
CA LYS A 23 44.53 27.40 8.03
C LYS A 23 43.23 26.80 7.49
N ALA A 24 42.18 27.61 7.44
CA ALA A 24 41.01 27.32 6.63
C ALA A 24 41.03 28.19 5.39
N PRO A 25 40.28 27.83 4.35
CA PRO A 25 40.39 28.58 3.08
C PRO A 25 40.29 30.08 3.21
N GLY A 26 39.51 30.59 4.17
CA GLY A 26 39.22 32.00 4.22
C GLY A 26 39.75 32.72 5.44
N GLY A 27 40.62 32.05 6.19
CA GLY A 27 41.21 32.60 7.39
C GLY A 27 41.67 31.53 8.34
N PRO A 28 42.35 31.94 9.42
CA PRO A 28 42.77 30.98 10.44
C PRO A 28 41.68 30.68 11.44
N VAL A 29 41.82 29.51 12.08
CA VAL A 29 40.94 29.08 13.16
C VAL A 29 41.79 28.57 14.30
N SER A 30 41.20 28.58 15.50
CA SER A 30 41.82 27.99 16.69
C SER A 30 41.26 26.59 16.88
N ALA A 31 42.14 25.62 17.13
CA ALA A 31 41.69 24.27 17.40
C ALA A 31 42.39 23.75 18.65
N PHE A 32 41.63 23.05 19.50
CA PHE A 32 42.17 22.38 20.67
C PHE A 32 41.78 20.90 20.58
N LEU A 33 42.72 20.10 20.09
CA LEU A 33 42.44 18.70 19.78
C LEU A 33 43.06 17.79 20.84
N GLY A 34 42.29 16.79 21.25
CA GLY A 34 42.80 15.80 22.20
C GLY A 34 42.69 16.17 23.66
N ILE A 35 41.67 16.93 24.04
CA ILE A 35 41.48 17.30 25.44
C ILE A 35 40.89 16.12 26.21
N PRO A 36 41.57 15.62 27.23
CA PRO A 36 41.02 14.51 28.03
C PRO A 36 39.89 14.99 28.91
N PHE A 37 38.75 14.30 28.84
CA PHE A 37 37.58 14.68 29.62
C PHE A 37 37.10 13.62 30.60
N ALA A 38 37.60 12.39 30.49
CA ALA A 38 37.37 11.33 31.47
C ALA A 38 38.69 10.65 31.78
N GLU A 39 38.72 9.92 32.90
CA GLU A 39 39.83 9.01 33.13
C GLU A 39 39.81 7.90 32.07
N PRO A 40 40.98 7.48 31.60
CA PRO A 40 41.05 6.37 30.64
C PRO A 40 40.25 5.18 31.13
N PRO A 41 39.24 4.77 30.39
CA PRO A 41 38.40 3.66 30.86
C PRO A 41 39.06 2.33 30.51
N VAL A 42 40.14 2.02 31.23
CA VAL A 42 41.02 0.90 30.92
C VAL A 42 41.12 -0.01 32.13
N GLY A 43 41.68 -1.19 31.93
CA GLY A 43 41.81 -2.15 33.01
C GLY A 43 40.48 -2.42 33.69
N SER A 44 40.47 -2.29 35.01
CA SER A 44 39.33 -2.62 35.85
C SER A 44 38.15 -1.66 35.62
N ARG A 45 38.36 -0.65 34.78
CA ARG A 45 37.32 0.32 34.46
C ARG A 45 36.65 0.04 33.12
N ARG A 46 37.11 -0.98 32.39
CA ARG A 46 36.45 -1.38 31.16
C ARG A 46 35.01 -1.80 31.43
N PHE A 47 34.11 -1.37 30.54
CA PHE A 47 32.66 -1.53 30.65
C PHE A 47 32.02 -0.64 31.71
N MET A 48 32.71 0.36 32.22
CA MET A 48 32.15 1.08 33.35
C MET A 48 31.90 2.56 33.04
N PRO A 49 31.04 3.20 33.82
CA PRO A 49 30.75 4.63 33.62
C PRO A 49 32.03 5.44 33.70
N PRO A 50 32.17 6.45 32.85
CA PRO A 50 33.38 7.26 32.87
C PRO A 50 33.48 8.06 34.15
N GLU A 51 34.68 8.06 34.73
CA GLU A 51 34.96 8.98 35.83
C GLU A 51 35.55 10.28 35.28
N PRO A 52 35.18 11.42 35.85
CA PRO A 52 35.73 12.70 35.39
C PRO A 52 37.26 12.75 35.49
N LYS A 53 37.87 13.37 34.48
CA LYS A 53 39.32 13.38 34.29
C LYS A 53 40.00 14.16 35.41
N ARG A 54 40.95 13.52 36.09
CA ARG A 54 41.66 14.19 37.17
C ARG A 54 42.52 15.32 36.58
N PRO A 55 42.68 16.42 37.32
CA PRO A 55 43.47 17.55 36.80
C PRO A 55 44.92 17.17 36.57
N TRP A 56 45.54 17.86 35.62
CA TRP A 56 46.92 17.62 35.20
C TRP A 56 47.78 18.85 35.44
N SER A 57 49.10 18.65 35.42
CA SER A 57 50.04 19.72 35.71
C SER A 57 50.73 20.16 34.42
N GLY A 58 51.06 21.46 34.37
CA GLY A 58 51.67 22.05 33.20
C GLY A 58 50.69 22.28 32.06
N VAL A 59 51.24 22.71 30.93
CA VAL A 59 50.43 22.96 29.75
C VAL A 59 50.32 21.67 28.97
N LEU A 60 49.09 21.15 28.85
CA LEU A 60 48.84 19.97 28.05
C LEU A 60 48.83 20.36 26.58
N ASP A 61 49.61 19.63 25.78
CA ASP A 61 49.63 19.90 24.34
C ASP A 61 48.34 19.39 23.71
N ALA A 62 47.63 20.29 23.02
CA ALA A 62 46.32 19.99 22.45
C ALA A 62 46.30 20.27 20.96
N THR A 63 47.29 19.76 20.22
CA THR A 63 47.44 20.08 18.80
C THR A 63 47.31 18.89 17.86
N THR A 64 47.16 17.67 18.38
CA THR A 64 46.99 16.47 17.58
C THR A 64 45.65 15.84 17.93
N PHE A 65 45.10 15.07 17.00
CA PHE A 65 43.96 14.25 17.36
C PHE A 65 44.45 13.08 18.20
N GLN A 66 43.66 12.71 19.22
CA GLN A 66 44.01 11.59 20.07
C GLN A 66 43.48 10.26 19.49
N ASN A 67 43.68 9.20 20.27
CA ASN A 67 43.40 7.86 19.80
C ASN A 67 41.93 7.64 19.51
N VAL A 68 41.66 6.80 18.54
CA VAL A 68 40.31 6.36 18.23
C VAL A 68 39.92 5.24 19.18
N CYS A 69 38.68 5.27 19.66
CA CYS A 69 38.19 4.21 20.53
C CYS A 69 38.26 2.86 19.83
N TYR A 70 38.61 1.82 20.58
CA TYR A 70 38.81 0.51 19.96
C TYR A 70 37.55 0.02 19.26
N GLN A 71 37.70 -0.46 18.03
CA GLN A 71 36.53 -0.76 17.21
C GLN A 71 36.87 -1.69 16.06
N TYR A 72 35.81 -2.30 15.51
CA TYR A 72 35.92 -3.12 14.31
C TYR A 72 36.31 -2.24 13.13
N VAL A 73 37.14 -2.75 12.23
CA VAL A 73 37.56 -1.98 11.07
C VAL A 73 37.12 -2.68 9.79
N ASP A 74 36.47 -1.92 8.91
CA ASP A 74 35.87 -2.45 7.70
C ASP A 74 36.92 -2.91 6.70
N THR A 75 36.75 -4.15 6.23
CA THR A 75 37.69 -4.82 5.33
C THR A 75 37.03 -5.24 4.03
N LEU A 76 35.81 -4.79 3.75
CA LEU A 76 35.11 -5.24 2.55
C LEU A 76 35.83 -4.79 1.28
N TYR A 77 36.07 -3.49 1.14
CA TYR A 77 36.78 -2.94 -0.02
C TYR A 77 38.06 -2.26 0.45
N PRO A 78 39.18 -2.97 0.48
CA PRO A 78 40.42 -2.36 0.99
C PRO A 78 40.96 -1.33 0.00
N GLY A 79 41.29 -0.14 0.52
CA GLY A 79 41.86 0.95 -0.27
C GLY A 79 40.85 1.82 -0.99
N PHE A 80 39.63 1.35 -1.15
CA PHE A 80 38.54 2.14 -1.71
C PHE A 80 38.25 3.35 -0.84
N GLU A 81 38.27 4.53 -1.46
CA GLU A 81 38.08 5.77 -0.69
C GLU A 81 36.74 5.77 0.03
N GLY A 82 35.68 5.26 -0.61
CA GLY A 82 34.36 5.35 -0.04
C GLY A 82 34.21 4.64 1.30
N THR A 83 35.02 3.62 1.56
CA THR A 83 35.01 3.00 2.87
C THR A 83 36.11 3.54 3.80
N GLU A 84 37.33 3.77 3.28
CA GLU A 84 38.40 4.25 4.15
C GLU A 84 38.04 5.58 4.80
N MET A 85 37.24 6.42 4.13
CA MET A 85 36.91 7.72 4.70
C MET A 85 36.21 7.60 6.05
N TRP A 86 35.67 6.43 6.37
CA TRP A 86 34.99 6.20 7.64
C TRP A 86 35.86 5.44 8.64
N ASN A 87 36.91 4.77 8.19
CA ASN A 87 37.76 3.98 9.06
C ASN A 87 38.57 4.88 10.01
N PRO A 88 39.08 4.33 11.13
CA PRO A 88 39.83 5.18 12.08
C PRO A 88 41.11 5.71 11.46
N ASN A 89 41.46 6.95 11.84
CA ASN A 89 42.63 7.63 11.28
C ASN A 89 43.69 7.97 12.33
N ARG A 90 43.53 7.52 13.57
CA ARG A 90 44.61 7.55 14.54
CA ARG A 90 44.59 7.55 14.57
C ARG A 90 44.63 6.18 15.23
N GLU A 91 45.64 5.98 16.07
CA GLU A 91 45.81 4.69 16.73
C GLU A 91 44.55 4.25 17.47
N LEU A 92 44.26 2.94 17.41
CA LEU A 92 43.16 2.35 18.16
C LEU A 92 43.60 2.08 19.60
N SER A 93 42.76 2.43 20.56
CA SER A 93 43.09 2.34 21.97
C SER A 93 41.83 2.43 22.80
N GLU A 94 41.83 1.71 23.93
CA GLU A 94 40.76 1.89 24.90
C GLU A 94 40.88 3.23 25.60
N ASP A 95 42.10 3.76 25.72
CA ASP A 95 42.30 5.13 26.19
C ASP A 95 41.99 6.07 25.02
N CYS A 96 40.80 6.68 25.05
CA CYS A 96 40.26 7.36 23.87
C CYS A 96 39.22 8.42 24.22
N LEU A 97 38.99 8.65 25.52
CA LEU A 97 37.93 9.57 25.95
C LEU A 97 38.47 11.01 25.93
N TYR A 98 38.60 11.54 24.72
CA TYR A 98 39.09 12.90 24.49
C TYR A 98 38.07 13.66 23.64
N LEU A 99 38.17 14.99 23.62
CA LEU A 99 37.29 15.80 22.76
C LEU A 99 38.11 16.87 22.04
N ASN A 100 37.47 17.48 21.06
CA ASN A 100 38.10 18.51 20.24
C ASN A 100 37.24 19.76 20.20
N VAL A 101 37.90 20.90 19.98
CA VAL A 101 37.26 22.23 20.04
C VAL A 101 37.85 23.12 18.97
N TRP A 102 37.03 23.54 18.01
CA TRP A 102 37.39 24.60 17.06
C TRP A 102 36.66 25.88 17.43
N THR A 103 37.35 27.02 17.28
CA THR A 103 36.77 28.33 17.55
C THR A 103 37.37 29.34 16.58
N PRO A 104 36.64 30.41 16.26
CA PRO A 104 37.23 31.53 15.50
C PRO A 104 38.57 31.97 16.09
N TYR A 105 39.44 32.56 15.27
CA TYR A 105 40.75 33.02 15.72
C TYR A 105 40.88 34.46 15.28
N PRO A 106 41.03 35.44 16.20
CA PRO A 106 41.02 35.29 17.66
C PRO A 106 39.70 34.78 18.22
N ARG A 107 39.69 34.21 19.42
CA ARG A 107 38.45 33.73 20.01
C ARG A 107 37.45 34.89 20.14
N PRO A 108 36.17 34.62 20.00
CA PRO A 108 35.19 35.69 19.74
C PRO A 108 35.01 36.64 20.92
N ALA A 109 34.39 37.78 20.59
CA ALA A 109 34.23 38.87 21.55
C ALA A 109 33.03 38.65 22.45
N SER A 110 31.85 38.41 21.85
CA SER A 110 30.61 38.02 22.52
C SER A 110 30.59 36.52 22.71
N PRO A 111 29.80 36.03 23.66
CA PRO A 111 29.64 34.57 23.81
C PRO A 111 28.86 33.99 22.63
N THR A 112 29.44 32.97 21.99
CA THR A 112 29.03 32.37 20.73
C THR A 112 28.32 31.04 20.94
N PRO A 113 27.21 30.83 20.21
CA PRO A 113 26.49 29.56 20.32
C PRO A 113 27.38 28.38 19.94
N VAL A 114 27.22 27.28 20.68
CA VAL A 114 28.06 26.09 20.57
C VAL A 114 27.32 25.00 19.82
N LEU A 115 28.03 24.29 18.94
CA LEU A 115 27.54 23.11 18.25
C LEU A 115 28.36 21.91 18.67
N ILE A 116 27.69 20.87 19.14
CA ILE A 116 28.34 19.64 19.59
C ILE A 116 27.99 18.53 18.63
N TRP A 117 29.01 17.93 18.01
CA TRP A 117 28.85 16.84 17.06
C TRP A 117 29.00 15.47 17.72
N ILE A 118 28.09 14.55 17.38
CA ILE A 118 28.17 13.17 17.85
C ILE A 118 28.24 12.26 16.63
N TYR A 119 29.41 11.66 16.38
CA TYR A 119 29.56 10.86 15.18
C TYR A 119 28.70 9.60 15.22
N GLY A 120 28.44 9.07 14.03
CA GLY A 120 27.71 7.84 13.86
C GLY A 120 28.63 6.68 13.57
N GLY A 121 28.03 5.59 13.09
CA GLY A 121 28.78 4.37 12.83
C GLY A 121 28.24 3.20 13.61
N GLY A 122 26.91 3.11 13.72
CA GLY A 122 26.23 1.93 14.23
C GLY A 122 26.54 1.52 15.65
N PHE A 123 27.13 2.42 16.44
CA PHE A 123 27.59 2.16 17.81
C PHE A 123 28.73 1.16 17.89
N TYR A 124 29.24 0.70 16.75
CA TYR A 124 30.40 -0.18 16.70
C TYR A 124 31.64 0.53 16.16
N SER A 125 31.53 1.77 15.72
CA SER A 125 32.65 2.41 15.03
C SER A 125 32.47 3.92 15.10
N GLY A 126 33.46 4.65 14.58
CA GLY A 126 33.37 6.09 14.53
C GLY A 126 34.51 6.79 15.24
N ALA A 127 34.79 8.05 14.87
CA ALA A 127 35.82 8.85 15.54
C ALA A 127 35.51 10.31 15.29
N ALA A 128 35.76 11.13 16.29
CA ALA A 128 35.49 12.55 16.13
C ALA A 128 36.56 13.23 15.30
N SER A 129 37.60 12.48 14.91
CA SER A 129 38.77 13.04 14.23
C SER A 129 38.80 12.78 12.73
N LEU A 130 37.76 12.18 12.16
CA LEU A 130 37.71 11.97 10.72
C LEU A 130 37.61 13.30 9.98
N ASP A 131 37.98 13.27 8.71
CA ASP A 131 38.08 14.52 7.94
C ASP A 131 36.73 15.14 7.69
N VAL A 132 35.68 14.32 7.51
CA VAL A 132 34.34 14.84 7.26
C VAL A 132 33.73 15.51 8.48
N TYR A 133 34.38 15.43 9.65
CA TYR A 133 33.88 16.08 10.86
C TYR A 133 34.71 17.31 11.23
N ASP A 134 35.42 17.90 10.28
CA ASP A 134 36.40 18.93 10.56
C ASP A 134 35.67 20.26 10.79
N GLY A 135 35.75 20.76 12.02
CA GLY A 135 35.03 21.97 12.39
C GLY A 135 35.67 23.27 11.95
N ARG A 136 36.80 23.21 11.22
CA ARG A 136 37.49 24.44 10.88
C ARG A 136 36.63 25.36 10.03
N PHE A 137 35.72 24.80 9.21
CA PHE A 137 34.94 25.65 8.31
C PHE A 137 33.74 26.27 9.02
N LEU A 138 33.04 25.48 9.83
CA LEU A 138 31.94 26.04 10.60
C LEU A 138 32.42 27.13 11.54
N ALA A 139 33.65 26.98 12.07
CA ALA A 139 34.20 28.01 12.93
C ALA A 139 34.56 29.25 12.13
N GLN A 140 35.36 29.09 11.07
CA GLN A 140 35.85 30.26 10.34
C GLN A 140 34.71 30.99 9.63
N VAL A 141 33.83 30.24 8.95
CA VAL A 141 32.87 30.89 8.08
C VAL A 141 31.66 31.37 8.85
N GLU A 142 31.16 30.57 9.79
CA GLU A 142 29.96 30.94 10.53
C GLU A 142 30.25 31.51 11.91
N GLY A 143 31.51 31.51 12.35
CA GLY A 143 31.84 32.04 13.66
C GLY A 143 31.53 31.12 14.81
N ALA A 144 31.22 29.87 14.54
CA ALA A 144 30.69 28.98 15.56
C ALA A 144 31.82 28.32 16.36
N VAL A 145 31.48 27.90 17.58
CA VAL A 145 32.32 27.04 18.38
C VAL A 145 31.81 25.62 18.20
N LEU A 146 32.64 24.73 17.68
CA LEU A 146 32.25 23.36 17.43
C LEU A 146 33.01 22.43 18.38
N VAL A 147 32.30 21.47 18.95
CA VAL A 147 32.85 20.51 19.91
C VAL A 147 32.47 19.11 19.47
N SER A 148 33.47 18.28 19.21
CA SER A 148 33.22 16.86 18.94
C SER A 148 34.07 16.00 19.88
N MET A 149 33.45 14.98 20.43
CA MET A 149 33.95 14.04 21.43
C MET A 149 34.13 12.65 20.84
N ASN A 150 35.04 11.89 21.44
CA ASN A 150 35.09 10.44 21.30
C ASN A 150 34.22 9.81 22.38
N TYR A 151 33.54 8.72 22.03
CA TYR A 151 32.76 7.97 23.01
C TYR A 151 32.93 6.51 22.68
N ARG A 152 32.88 5.68 23.73
CA ARG A 152 33.21 4.28 23.54
C ARG A 152 32.16 3.59 22.68
N VAL A 153 32.62 2.77 21.74
CA VAL A 153 31.69 2.04 20.90
C VAL A 153 31.85 0.56 21.16
N GLY A 154 31.04 -0.25 20.48
CA GLY A 154 31.23 -1.68 20.55
C GLY A 154 30.92 -2.26 21.92
N THR A 155 31.56 -3.40 22.19
CA THR A 155 31.46 -4.01 23.51
C THR A 155 31.82 -3.00 24.60
N PHE A 156 32.91 -2.25 24.39
CA PHE A 156 33.41 -1.35 25.43
C PHE A 156 32.41 -0.25 25.76
N GLY A 157 31.61 0.16 24.77
CA GLY A 157 30.59 1.17 24.96
C GLY A 157 29.27 0.65 25.46
N PHE A 158 28.86 -0.55 25.02
CA PHE A 158 27.46 -0.93 25.21
C PHE A 158 27.19 -2.36 25.65
N LEU A 159 28.22 -3.19 25.77
CA LEU A 159 28.02 -4.51 26.36
C LEU A 159 27.43 -4.37 27.75
N ALA A 160 26.27 -4.95 27.96
CA ALA A 160 25.57 -4.79 29.22
C ALA A 160 25.13 -6.15 29.75
N LEU A 161 25.34 -6.37 31.05
CA LEU A 161 24.56 -7.34 31.80
C LEU A 161 23.64 -6.55 32.70
N PRO A 162 22.42 -6.23 32.25
CA PRO A 162 21.60 -5.24 32.96
C PRO A 162 21.32 -5.64 34.39
N GLY A 163 21.23 -4.63 35.25
CA GLY A 163 21.06 -4.83 36.66
C GLY A 163 22.35 -4.95 37.45
N SER A 164 23.47 -5.23 36.78
CA SER A 164 24.75 -5.39 37.46
C SER A 164 25.46 -4.06 37.68
N ARG A 165 26.44 -4.08 38.58
CA ARG A 165 27.25 -2.87 38.81
C ARG A 165 28.48 -2.80 37.91
N GLU A 166 29.07 -3.94 37.54
CA GLU A 166 30.33 -3.96 36.77
C GLU A 166 30.13 -3.79 35.27
N ALA A 167 28.89 -3.75 34.78
CA ALA A 167 28.61 -3.61 33.36
C ALA A 167 27.15 -3.18 33.16
N PRO A 168 26.78 -1.98 33.58
CA PRO A 168 25.37 -1.61 33.60
C PRO A 168 24.85 -1.18 32.24
N GLY A 169 25.70 -1.17 31.22
CA GLY A 169 25.32 -0.78 29.89
C GLY A 169 25.14 0.71 29.70
N ASN A 170 25.01 1.09 28.43
CA ASN A 170 24.85 2.47 27.98
C ASN A 170 26.05 3.38 28.34
N VAL A 171 27.20 2.84 28.74
CA VAL A 171 28.28 3.71 29.20
C VAL A 171 28.84 4.56 28.06
N GLY A 172 28.72 4.08 26.82
CA GLY A 172 29.05 4.94 25.70
C GLY A 172 28.22 6.21 25.68
N LEU A 173 26.93 6.09 26.00
CA LEU A 173 26.08 7.27 26.10
C LEU A 173 26.50 8.15 27.28
N LEU A 174 26.98 7.52 28.35
CA LEU A 174 27.45 8.26 29.51
C LEU A 174 28.75 9.02 29.22
N ASP A 175 29.61 8.47 28.34
CA ASP A 175 30.74 9.25 27.84
C ASP A 175 30.27 10.56 27.22
N GLN A 176 29.29 10.48 26.32
CA GLN A 176 28.78 11.66 25.64
C GLN A 176 28.21 12.67 26.63
N ARG A 177 27.42 12.19 27.59
CA ARG A 177 26.90 13.07 28.63
C ARG A 177 28.03 13.79 29.37
N LEU A 178 29.10 13.05 29.71
CA LEU A 178 30.22 13.66 30.43
C LEU A 178 30.88 14.75 29.60
N ALA A 179 31.06 14.51 28.30
CA ALA A 179 31.51 15.59 27.43
C ALA A 179 30.56 16.78 27.46
N LEU A 180 29.25 16.52 27.57
CA LEU A 180 28.32 17.63 27.61
C LEU A 180 28.43 18.40 28.92
N GLN A 181 28.61 17.69 30.04
CA GLN A 181 28.91 18.37 31.30
C GLN A 181 30.18 19.18 31.18
N TRP A 182 31.19 18.64 30.49
CA TRP A 182 32.44 19.35 30.27
C TRP A 182 32.20 20.66 29.52
N VAL A 183 31.38 20.63 28.47
CA VAL A 183 31.11 21.86 27.74
C VAL A 183 30.44 22.89 28.67
N GLN A 184 29.52 22.47 29.54
CA GLN A 184 28.85 23.43 30.42
C GLN A 184 29.85 24.16 31.29
N GLU A 185 30.90 23.47 31.75
CA GLU A 185 31.79 24.13 32.68
C GLU A 185 32.87 24.94 31.99
N ASN A 186 33.30 24.51 30.80
CA ASN A 186 34.54 24.99 30.23
C ASN A 186 34.39 25.79 28.95
N ILE A 187 33.26 25.71 28.25
CA ILE A 187 33.24 26.22 26.89
C ILE A 187 33.31 27.75 26.87
N ALA A 188 32.98 28.41 27.99
CA ALA A 188 33.14 29.87 28.05
C ALA A 188 34.61 30.30 28.02
N ALA A 189 35.55 29.47 28.48
CA ALA A 189 36.97 29.80 28.32
C ALA A 189 37.38 29.92 26.86
N PHE A 190 36.55 29.46 25.94
CA PHE A 190 36.83 29.54 24.52
C PHE A 190 35.92 30.54 23.83
N GLY A 191 34.98 31.15 24.55
CA GLY A 191 34.03 32.06 23.93
C GLY A 191 32.73 31.41 23.52
N GLY A 192 32.50 30.15 23.90
CA GLY A 192 31.21 29.56 23.70
C GLY A 192 30.23 29.95 24.79
N ASP A 193 28.96 30.00 24.39
CA ASP A 193 27.81 30.25 25.24
C ASP A 193 27.31 28.92 25.81
N PRO A 194 27.62 28.59 27.07
CA PRO A 194 27.09 27.34 27.64
C PRO A 194 25.57 27.33 27.72
N MET A 195 24.89 28.44 27.43
CA MET A 195 23.44 28.53 27.50
C MET A 195 22.81 28.49 26.10
N SER A 196 23.62 28.27 25.05
CA SER A 196 23.16 28.09 23.68
C SER A 196 23.97 26.94 23.10
N VAL A 197 23.54 25.72 23.39
CA VAL A 197 24.28 24.52 23.00
C VAL A 197 23.33 23.62 22.22
N THR A 198 23.70 23.33 20.96
CA THR A 198 22.92 22.53 20.03
C THR A 198 23.67 21.23 19.73
N LEU A 199 23.02 20.08 20.01
CA LEU A 199 23.60 18.79 19.64
C LEU A 199 23.28 18.49 18.18
N PHE A 200 24.19 17.77 17.51
CA PHE A 200 23.87 17.30 16.17
C PHE A 200 24.76 16.12 15.83
N GLY A 201 24.17 15.16 15.11
CA GLY A 201 24.84 13.90 14.81
C GLY A 201 24.15 13.19 13.68
N GLU A 202 24.84 12.19 13.15
CA GLU A 202 24.32 11.38 12.06
C GLU A 202 24.34 9.91 12.45
N SER A 203 23.39 9.14 11.88
CA SER A 203 23.26 7.67 12.06
C SER A 203 23.12 7.35 13.55
N ALA A 204 23.94 6.46 14.11
CA ALA A 204 23.96 6.26 15.55
C ALA A 204 24.20 7.56 16.31
N GLY A 205 24.86 8.53 15.69
CA GLY A 205 25.05 9.82 16.35
C GLY A 205 23.74 10.59 16.46
N ALA A 206 22.97 10.62 15.37
CA ALA A 206 21.61 11.16 15.41
C ALA A 206 20.77 10.43 16.46
N ALA A 207 20.77 9.09 16.43
CA ALA A 207 20.10 8.29 17.44
C ALA A 207 20.45 8.73 18.85
N SER A 208 21.75 8.90 19.12
CA SER A 208 22.21 9.32 20.45
C SER A 208 21.62 10.66 20.85
N VAL A 209 21.64 11.64 19.94
CA VAL A 209 20.96 12.90 20.22
C VAL A 209 19.54 12.64 20.71
N GLY A 210 18.82 11.74 20.03
CA GLY A 210 17.48 11.38 20.49
C GLY A 210 17.46 10.88 21.93
N MET A 211 18.43 10.05 22.29
CA MET A 211 18.42 9.51 23.65
C MET A 211 18.75 10.57 24.70
N HIS A 212 19.55 11.59 24.36
CA HIS A 212 19.75 12.68 25.32
C HIS A 212 18.48 13.50 25.48
N ILE A 213 17.69 13.66 24.41
CA ILE A 213 16.39 14.29 24.54
C ILE A 213 15.50 13.53 25.54
N LEU A 214 15.57 12.20 25.50
CA LEU A 214 14.66 11.34 26.26
C LEU A 214 15.16 10.99 27.65
N SER A 215 16.45 11.19 27.93
CA SER A 215 17.02 10.92 29.24
C SER A 215 17.07 12.21 30.04
N LEU A 216 16.34 12.25 31.15
CA LEU A 216 16.15 13.51 31.86
C LEU A 216 17.45 14.18 32.32
N PRO A 217 18.47 13.48 32.81
CA PRO A 217 19.71 14.18 33.18
C PRO A 217 20.40 14.91 32.02
N SER A 218 20.43 14.35 30.82
CA SER A 218 21.07 15.06 29.70
C SER A 218 20.33 16.33 29.31
N ARG A 219 19.08 16.50 29.74
CA ARG A 219 18.22 17.52 29.15
C ARG A 219 18.63 18.93 29.53
N SER A 220 19.36 19.10 30.61
CA SER A 220 19.83 20.41 31.03
C SER A 220 21.22 20.76 30.51
N LEU A 221 21.77 19.95 29.60
CA LEU A 221 23.09 20.19 29.04
C LEU A 221 23.06 20.73 27.62
N PHE A 222 21.88 20.78 27.00
CA PHE A 222 21.74 21.29 25.64
C PHE A 222 20.37 21.95 25.52
N HIS A 223 20.16 22.71 24.44
CA HIS A 223 18.88 23.41 24.28
C HIS A 223 18.21 23.19 22.94
N ARG A 224 18.90 22.69 21.93
CA ARG A 224 18.31 22.37 20.64
C ARG A 224 19.01 21.12 20.09
N ALA A 225 18.38 20.49 19.09
CA ALA A 225 18.86 19.19 18.64
C ALA A 225 18.57 18.98 17.16
N VAL A 226 19.52 18.34 16.47
CA VAL A 226 19.48 18.02 15.04
C VAL A 226 19.84 16.56 14.87
N LEU A 227 18.93 15.78 14.29
CA LEU A 227 19.09 14.34 14.12
C LEU A 227 19.11 14.04 12.63
N GLN A 228 20.26 13.64 12.11
CA GLN A 228 20.45 13.41 10.68
C GLN A 228 20.49 11.90 10.42
N SER A 229 19.47 11.39 9.73
CA SER A 229 19.44 10.00 9.27
C SER A 229 19.54 9.02 10.44
N GLY A 230 18.80 9.31 11.51
CA GLY A 230 18.86 8.45 12.67
C GLY A 230 17.90 8.88 13.76
N THR A 231 17.51 7.93 14.62
CA THR A 231 16.41 8.10 15.55
C THR A 231 16.66 7.21 16.76
N PRO A 232 16.22 7.63 17.96
CA PRO A 232 16.24 6.69 19.09
C PRO A 232 15.19 5.59 18.96
N ASN A 233 14.02 5.90 18.37
CA ASN A 233 13.05 4.88 18.03
C ASN A 233 13.57 4.03 16.86
N GLY A 234 12.89 2.93 16.58
CA GLY A 234 13.22 2.12 15.42
C GLY A 234 13.90 0.81 15.75
N PRO A 235 14.23 0.03 14.72
CA PRO A 235 14.63 -1.37 14.97
C PRO A 235 16.10 -1.59 15.37
N TRP A 236 16.98 -0.62 15.21
CA TRP A 236 18.39 -0.89 15.44
C TRP A 236 19.01 -0.13 16.60
N ALA A 237 18.45 1.00 17.01
CA ALA A 237 19.09 1.86 18.00
C ALA A 237 19.09 1.29 19.43
N THR A 238 18.22 0.32 19.75
CA THR A 238 18.11 -0.14 21.14
C THR A 238 17.92 -1.65 21.18
N VAL A 239 18.12 -2.21 22.37
CA VAL A 239 17.80 -3.62 22.61
C VAL A 239 17.21 -3.75 24.01
N SER A 240 16.35 -4.77 24.16
CA SER A 240 15.80 -5.08 25.47
C SER A 240 16.93 -5.44 26.44
N ALA A 241 16.61 -5.40 27.73
CA ALA A 241 17.53 -5.94 28.72
C ALA A 241 17.83 -7.41 28.40
N GLY A 242 16.78 -8.21 28.15
CA GLY A 242 16.99 -9.61 27.86
C GLY A 242 17.93 -9.84 26.70
N GLU A 243 17.76 -9.10 25.61
CA GLU A 243 18.57 -9.36 24.44
C GLU A 243 20.00 -8.89 24.65
N ALA A 244 20.18 -7.78 25.36
CA ALA A 244 21.54 -7.34 25.64
C ALA A 244 22.23 -8.39 26.48
N ARG A 245 21.54 -8.92 27.49
CA ARG A 245 22.13 -9.93 28.34
C ARG A 245 22.50 -11.17 27.55
N ARG A 246 21.60 -11.62 26.67
CA ARG A 246 21.89 -12.81 25.89
C ARG A 246 23.07 -12.56 24.97
N ARG A 247 23.15 -11.35 24.40
CA ARG A 247 24.27 -11.01 23.53
C ARG A 247 25.59 -10.90 24.31
N ALA A 248 25.55 -10.43 25.55
CA ALA A 248 26.78 -10.35 26.34
C ALA A 248 27.27 -11.72 26.77
N THR A 249 26.37 -12.59 27.28
CA THR A 249 26.88 -13.87 27.77
C THR A 249 27.34 -14.75 26.63
N LEU A 250 26.77 -14.56 25.43
CA LEU A 250 27.22 -15.33 24.27
C LEU A 250 28.65 -14.94 23.89
N LEU A 251 28.93 -13.64 23.88
CA LEU A 251 30.27 -13.17 23.58
C LEU A 251 31.26 -13.61 24.64
N ALA A 252 30.85 -13.58 25.91
CA ALA A 252 31.67 -14.15 26.98
C ALA A 252 32.04 -15.59 26.66
N ARG A 253 31.05 -16.41 26.31
CA ARG A 253 31.34 -17.81 25.99
C ARG A 253 32.23 -17.91 24.77
N LEU A 254 32.05 -17.00 23.79
CA LEU A 254 32.81 -17.05 22.56
C LEU A 254 34.29 -16.77 22.77
N VAL A 255 34.65 -16.07 23.84
CA VAL A 255 36.05 -15.81 24.19
C VAL A 255 36.49 -16.63 25.39
N GLY A 256 35.65 -17.55 25.86
CA GLY A 256 36.07 -18.49 26.89
C GLY A 256 35.76 -18.09 28.31
N CYS A 257 34.72 -17.30 28.54
CA CYS A 257 34.37 -16.82 29.88
C CYS A 257 32.99 -17.36 30.27
N PRO A 258 32.91 -18.39 31.11
CA PRO A 258 31.59 -18.89 31.45
C PRO A 258 31.24 -18.67 32.91
N ASN A 265 26.04 -15.47 38.52
CA ASN A 265 26.87 -14.39 39.06
C ASN A 265 27.61 -13.66 37.93
N ASP A 266 27.23 -12.40 37.68
CA ASP A 266 27.82 -11.63 36.59
C ASP A 266 29.19 -11.07 36.92
N THR A 267 29.53 -10.99 38.20
CA THR A 267 30.83 -10.45 38.60
C THR A 267 31.97 -11.30 38.03
N GLU A 268 31.90 -12.63 38.23
CA GLU A 268 32.96 -13.52 37.75
C GLU A 268 33.08 -13.51 36.23
N LEU A 269 31.97 -13.30 35.53
CA LEU A 269 32.03 -13.32 34.07
C LEU A 269 32.65 -12.04 33.53
N ILE A 270 32.17 -10.88 33.99
CA ILE A 270 32.76 -9.60 33.56
C ILE A 270 34.23 -9.55 33.93
N ALA A 271 34.57 -9.95 35.16
CA ALA A 271 35.97 -10.00 35.56
C ALA A 271 36.80 -10.74 34.50
N CYS A 272 36.30 -11.88 34.02
CA CYS A 272 37.01 -12.61 32.97
C CYS A 272 37.11 -11.78 31.71
N LEU A 273 35.99 -11.17 31.28
CA LEU A 273 35.99 -10.32 30.11
C LEU A 273 37.04 -9.21 30.22
N ARG A 274 37.22 -8.66 31.42
CA ARG A 274 38.20 -7.60 31.64
CA ARG A 274 38.19 -7.60 31.61
C ARG A 274 39.63 -8.08 31.48
N THR A 275 39.87 -9.40 31.45
CA THR A 275 41.21 -9.91 31.26
C THR A 275 41.48 -10.32 29.82
N ARG A 276 40.65 -9.85 28.88
CA ARG A 276 40.88 -10.26 27.51
C ARG A 276 41.38 -9.09 26.67
N PRO A 277 42.29 -9.37 25.74
CA PRO A 277 42.74 -8.32 24.82
C PRO A 277 41.55 -7.66 24.15
N ALA A 278 41.70 -6.36 23.85
CA ALA A 278 40.62 -5.66 23.18
C ALA A 278 40.30 -6.27 21.83
N GLN A 279 41.31 -6.80 21.14
CA GLN A 279 41.08 -7.34 19.81
C GLN A 279 40.24 -8.62 19.86
N ASP A 280 40.44 -9.44 20.91
CA ASP A 280 39.66 -10.67 21.02
C ASP A 280 38.17 -10.37 21.09
N LEU A 281 37.80 -9.26 21.76
CA LEU A 281 36.39 -8.88 21.81
C LEU A 281 35.93 -8.38 20.45
N VAL A 282 36.72 -7.49 19.84
CA VAL A 282 36.39 -6.97 18.50
C VAL A 282 36.20 -8.13 17.53
N ASP A 283 37.13 -9.10 17.56
CA ASP A 283 37.13 -10.21 16.60
C ASP A 283 35.85 -11.05 16.64
N HIS A 284 35.14 -11.07 17.77
CA HIS A 284 33.94 -11.87 17.93
C HIS A 284 32.66 -11.06 18.03
N GLU A 285 32.74 -9.72 17.92
CA GLU A 285 31.57 -8.88 18.17
C GLU A 285 30.43 -9.18 17.21
N TRP A 286 30.71 -9.42 15.93
CA TRP A 286 29.63 -9.63 14.97
C TRP A 286 29.01 -11.01 15.03
N HIS A 287 29.48 -11.88 15.92
CA HIS A 287 29.02 -13.26 15.97
C HIS A 287 27.83 -13.45 16.90
N VAL A 288 27.39 -12.41 17.61
CA VAL A 288 26.30 -12.53 18.57
C VAL A 288 24.97 -12.01 17.99
N LEU A 289 24.85 -11.89 16.66
CA LEU A 289 23.57 -11.34 16.24
C LEU A 289 22.55 -12.47 16.03
N PRO A 290 21.30 -12.23 16.42
CA PRO A 290 20.32 -13.34 16.42
C PRO A 290 20.03 -13.92 15.05
N GLN A 291 19.95 -13.12 13.98
CA GLN A 291 19.71 -13.61 12.64
C GLN A 291 20.65 -12.93 11.64
N GLU A 292 20.80 -13.56 10.47
CA GLU A 292 21.48 -12.93 9.35
C GLU A 292 20.82 -11.59 9.06
N SER A 293 21.57 -10.51 9.17
CA SER A 293 20.94 -9.20 9.06
C SER A 293 21.86 -8.20 8.38
N ILE A 294 21.27 -7.11 7.91
CA ILE A 294 21.98 -5.87 7.62
C ILE A 294 21.30 -4.76 8.44
N PHE A 295 22.06 -3.70 8.69
CA PHE A 295 21.57 -2.58 9.51
C PHE A 295 21.19 -3.08 10.91
N ARG A 296 22.01 -3.97 11.43
CA ARG A 296 21.87 -4.43 12.81
C ARG A 296 23.27 -4.48 13.40
N PHE A 297 23.37 -3.97 14.63
CA PHE A 297 24.64 -3.86 15.32
C PHE A 297 24.55 -4.56 16.67
N SER A 298 25.64 -5.26 17.04
CA SER A 298 25.58 -6.20 18.15
C SER A 298 25.45 -5.50 19.50
N PHE A 299 26.15 -4.39 19.71
CA PHE A 299 26.19 -3.76 21.03
C PHE A 299 25.77 -2.30 20.92
N VAL A 300 24.56 -2.01 21.38
CA VAL A 300 23.88 -0.74 21.20
C VAL A 300 23.24 -0.34 22.54
N PRO A 301 22.70 0.86 22.68
CA PRO A 301 22.01 1.22 23.92
C PRO A 301 20.97 0.20 24.36
N VAL A 302 20.86 0.04 25.67
CA VAL A 302 19.91 -0.90 26.27
C VAL A 302 18.76 -0.10 26.88
N VAL A 303 17.56 -0.69 26.86
CA VAL A 303 16.47 -0.11 27.64
C VAL A 303 16.64 -0.59 29.07
N ASP A 304 17.38 0.20 29.86
CA ASP A 304 17.91 -0.16 31.17
C ASP A 304 16.94 0.13 32.31
N GLY A 305 15.88 0.90 32.06
CA GLY A 305 15.12 1.50 33.15
C GLY A 305 15.88 2.53 33.95
N ASP A 306 16.82 3.25 33.31
CA ASP A 306 17.72 4.19 33.97
C ASP A 306 17.99 5.40 33.08
N PHE A 307 19.02 5.31 32.23
CA PHE A 307 19.20 6.26 31.14
C PHE A 307 17.90 6.40 30.34
N LEU A 308 17.45 5.29 29.78
CA LEU A 308 16.14 5.23 29.14
C LEU A 308 15.12 4.67 30.14
N SER A 309 14.28 5.56 30.69
CA SER A 309 13.29 5.11 31.68
C SER A 309 12.36 4.04 31.09
N ASP A 310 12.16 4.03 29.78
CA ASP A 310 11.31 3.07 29.09
C ASP A 310 11.80 3.04 27.65
N THR A 311 11.16 2.22 26.82
CA THR A 311 11.58 2.15 25.43
C THR A 311 11.39 3.52 24.77
N PRO A 312 12.27 3.89 23.82
CA PRO A 312 12.07 5.16 23.10
C PRO A 312 10.69 5.30 22.48
N GLU A 313 10.12 4.22 21.91
CA GLU A 313 8.75 4.26 21.39
CA GLU A 313 8.76 4.28 21.39
C GLU A 313 7.78 4.75 22.45
N ALA A 314 7.81 4.13 23.63
CA ALA A 314 6.96 4.58 24.74
C ALA A 314 7.25 6.03 25.12
N LEU A 315 8.52 6.45 25.05
CA LEU A 315 8.87 7.75 25.60
C LEU A 315 8.50 8.89 24.64
N ILE A 316 8.63 8.68 23.33
CA ILE A 316 8.18 9.73 22.42
C ILE A 316 6.67 9.78 22.36
N ASN A 317 5.99 8.65 22.62
CA ASN A 317 4.53 8.64 22.54
C ASN A 317 3.90 9.49 23.63
N THR A 318 4.58 9.65 24.77
CA THR A 318 3.90 10.10 25.97
C THR A 318 4.64 11.18 26.76
N GLY A 319 5.70 11.79 26.20
CA GLY A 319 6.45 12.80 26.90
C GLY A 319 6.13 14.22 26.46
N ASP A 320 6.40 15.18 27.34
CA ASP A 320 6.13 16.59 27.08
C ASP A 320 7.33 17.23 26.40
N PHE A 321 7.09 17.92 25.27
CA PHE A 321 8.19 18.41 24.45
C PHE A 321 8.01 19.86 24.00
N GLN A 322 7.23 20.67 24.70
CA GLN A 322 7.27 22.09 24.38
C GLN A 322 8.65 22.64 24.69
N ASP A 323 8.91 23.85 24.20
CA ASP A 323 10.21 24.50 24.39
C ASP A 323 11.33 23.55 23.99
N LEU A 324 11.15 22.88 22.87
CA LEU A 324 12.15 21.99 22.30
C LEU A 324 12.11 22.17 20.80
N GLN A 325 13.24 22.54 20.22
CA GLN A 325 13.34 22.77 18.78
C GLN A 325 14.25 21.72 18.16
N VAL A 326 13.75 21.05 17.13
CA VAL A 326 14.42 19.90 16.53
C VAL A 326 14.50 20.11 15.01
N LEU A 327 15.61 19.68 14.43
CA LEU A 327 15.78 19.58 12.98
C LEU A 327 16.05 18.12 12.66
N VAL A 328 15.31 17.56 11.68
CA VAL A 328 15.38 16.13 11.35
C VAL A 328 15.31 15.97 9.84
N GLY A 329 15.93 14.90 9.35
CA GLY A 329 15.89 14.70 7.91
C GLY A 329 16.61 13.43 7.51
N VAL A 330 16.58 13.17 6.20
CA VAL A 330 17.07 11.92 5.62
C VAL A 330 17.75 12.24 4.29
N VAL A 331 18.63 11.35 3.86
CA VAL A 331 19.14 11.44 2.49
C VAL A 331 18.17 10.65 1.58
N LYS A 332 18.38 10.72 0.26
CA LYS A 332 17.39 10.17 -0.66
C LYS A 332 17.40 8.65 -0.67
N ASP A 333 18.58 8.05 -0.56
CA ASP A 333 18.74 6.60 -0.66
C ASP A 333 19.42 6.08 0.63
N GLU A 334 18.66 6.06 1.72
CA GLU A 334 19.23 5.67 3.00
C GLU A 334 19.70 4.22 3.02
N GLY A 335 19.11 3.36 2.19
CA GLY A 335 19.35 1.94 2.31
C GLY A 335 20.49 1.41 1.46
N SER A 336 20.78 2.06 0.33
CA SER A 336 21.66 1.47 -0.68
C SER A 336 22.99 1.00 -0.09
N TYR A 337 23.64 1.84 0.72
CA TYR A 337 24.92 1.49 1.34
C TYR A 337 24.89 0.10 1.98
N PHE A 338 23.81 -0.22 2.69
CA PHE A 338 23.80 -1.44 3.50
C PHE A 338 23.68 -2.71 2.68
N LEU A 339 23.14 -2.64 1.46
CA LEU A 339 22.90 -3.84 0.68
C LEU A 339 24.20 -4.59 0.36
N VAL A 340 25.29 -3.86 0.11
CA VAL A 340 26.54 -4.51 -0.30
C VAL A 340 27.26 -5.17 0.87
N TYR A 341 26.72 -5.09 2.07
CA TYR A 341 27.32 -5.74 3.23
C TYR A 341 26.49 -6.92 3.70
N GLY A 342 25.90 -7.67 2.77
CA GLY A 342 25.02 -8.77 3.17
C GLY A 342 24.09 -9.35 2.12
N VAL A 343 23.32 -8.52 1.42
CA VAL A 343 22.26 -9.03 0.55
C VAL A 343 22.87 -9.61 -0.72
N PRO A 344 22.85 -10.93 -0.91
CA PRO A 344 23.44 -11.51 -2.12
C PRO A 344 22.82 -10.87 -3.36
N GLY A 345 23.67 -10.63 -4.36
CA GLY A 345 23.28 -9.95 -5.58
C GLY A 345 23.81 -8.55 -5.68
N PHE A 346 24.14 -7.89 -4.56
CA PHE A 346 24.54 -6.49 -4.54
C PHE A 346 26.05 -6.33 -4.37
N SER A 347 26.59 -5.31 -5.04
CA SER A 347 28.00 -4.96 -5.00
C SER A 347 28.19 -3.56 -5.53
N LYS A 348 29.31 -2.94 -5.15
CA LYS A 348 29.63 -1.60 -5.63
C LYS A 348 30.22 -1.59 -7.03
N ASP A 349 30.63 -2.75 -7.54
CA ASP A 349 31.36 -2.86 -8.80
C ASP A 349 30.51 -3.36 -9.96
N ASN A 350 29.23 -3.68 -9.68
CA ASN A 350 28.20 -4.30 -10.51
C ASN A 350 27.04 -3.33 -10.53
N GLU A 351 26.17 -3.41 -11.52
CA GLU A 351 24.98 -2.57 -11.38
C GLU A 351 23.99 -3.13 -10.37
N SER A 352 24.26 -4.30 -9.77
CA SER A 352 23.37 -4.88 -8.76
C SER A 352 21.94 -5.07 -9.26
N LEU A 353 21.79 -5.52 -10.51
CA LEU A 353 20.48 -5.86 -11.04
C LEU A 353 20.12 -7.28 -10.59
N ILE A 354 19.18 -7.39 -9.66
CA ILE A 354 18.88 -8.65 -8.99
C ILE A 354 17.60 -9.28 -9.55
N SER A 355 17.33 -10.52 -9.14
CA SER A 355 16.15 -11.27 -9.53
C SER A 355 15.06 -11.18 -8.46
N ARG A 356 13.86 -11.59 -8.83
CA ARG A 356 12.79 -11.67 -7.85
C ARG A 356 13.20 -12.56 -6.68
N ALA A 357 13.74 -13.74 -6.98
CA ALA A 357 14.20 -14.64 -5.92
C ALA A 357 15.11 -13.91 -4.93
N GLN A 358 16.08 -13.15 -5.44
CA GLN A 358 17.03 -12.47 -4.57
C GLN A 358 16.37 -11.35 -3.77
N PHE A 359 15.40 -10.66 -4.36
CA PHE A 359 14.67 -9.64 -3.62
C PHE A 359 13.99 -10.25 -2.40
N LEU A 360 13.28 -11.38 -2.59
CA LEU A 360 12.61 -12.02 -1.46
C LEU A 360 13.63 -12.47 -0.41
N ALA A 361 14.77 -13.00 -0.85
CA ALA A 361 15.83 -13.37 0.09
C ALA A 361 16.36 -12.14 0.83
N GLY A 362 16.49 -11.02 0.13
CA GLY A 362 16.98 -9.81 0.77
C GLY A 362 15.98 -9.21 1.74
N VAL A 363 14.69 -9.35 1.46
CA VAL A 363 13.68 -8.84 2.38
C VAL A 363 13.83 -9.50 3.74
N ARG A 364 14.15 -10.80 3.77
CA ARG A 364 14.30 -11.49 5.04
C ARG A 364 15.57 -11.09 5.76
N ILE A 365 16.55 -10.55 5.05
CA ILE A 365 17.77 -10.08 5.68
C ILE A 365 17.64 -8.64 6.15
N GLY A 366 17.11 -7.77 5.29
CA GLY A 366 16.83 -6.39 5.67
C GLY A 366 15.72 -6.23 6.70
N VAL A 367 14.84 -7.21 6.82
CA VAL A 367 13.80 -7.15 7.86
C VAL A 367 13.94 -8.39 8.73
N PRO A 368 15.06 -8.56 9.43
CA PRO A 368 15.37 -9.88 10.03
C PRO A 368 14.38 -10.33 11.07
N GLN A 369 13.77 -9.41 11.82
CA GLN A 369 12.86 -9.82 12.88
CA GLN A 369 12.83 -9.77 12.89
C GLN A 369 11.45 -10.13 12.37
N ALA A 370 11.23 -10.11 11.05
CA ALA A 370 9.91 -10.28 10.46
C ALA A 370 9.55 -11.76 10.25
N SER A 371 8.35 -12.13 10.70
CA SER A 371 7.81 -13.46 10.44
C SER A 371 7.55 -13.66 8.95
N ASP A 372 7.23 -14.91 8.59
CA ASP A 372 6.97 -15.24 7.20
C ASP A 372 5.89 -14.34 6.61
N LEU A 373 4.80 -14.12 7.35
CA LEU A 373 3.70 -13.31 6.85
C LEU A 373 4.13 -11.85 6.67
N ALA A 374 4.74 -11.26 7.71
CA ALA A 374 5.15 -9.87 7.62
C ALA A 374 6.16 -9.66 6.49
N ALA A 375 7.04 -10.64 6.27
CA ALA A 375 7.93 -10.55 5.13
C ALA A 375 7.14 -10.48 3.83
N GLU A 376 6.17 -11.39 3.66
CA GLU A 376 5.36 -11.33 2.45
CA GLU A 376 5.31 -11.35 2.48
C GLU A 376 4.66 -9.98 2.33
N ALA A 377 4.16 -9.44 3.44
CA ALA A 377 3.50 -8.14 3.37
C ALA A 377 4.45 -7.07 2.83
N VAL A 378 5.67 -6.99 3.39
CA VAL A 378 6.70 -6.10 2.84
C VAL A 378 6.88 -6.36 1.35
N VAL A 379 7.04 -7.62 0.95
CA VAL A 379 7.27 -7.94 -0.46
C VAL A 379 6.08 -7.50 -1.32
N LEU A 380 4.86 -7.65 -0.80
CA LEU A 380 3.67 -7.23 -1.54
C LEU A 380 3.62 -5.71 -1.71
N HIS A 381 3.98 -4.97 -0.66
CA HIS A 381 3.91 -3.51 -0.74
C HIS A 381 4.92 -2.95 -1.74
N TYR A 382 6.18 -3.42 -1.70
CA TYR A 382 7.22 -2.74 -2.44
C TYR A 382 7.29 -3.18 -3.90
N THR A 383 6.75 -4.34 -4.23
CA THR A 383 6.83 -4.84 -5.60
C THR A 383 5.94 -4.02 -6.53
N ASP A 384 6.42 -3.80 -7.74
CA ASP A 384 5.67 -3.09 -8.77
C ASP A 384 4.90 -4.14 -9.57
N TRP A 385 3.59 -4.20 -9.37
CA TRP A 385 2.83 -5.29 -9.96
C TRP A 385 2.63 -5.12 -11.47
N LEU A 386 2.92 -3.94 -12.01
CA LEU A 386 3.03 -3.79 -13.46
C LEU A 386 4.31 -4.38 -14.01
N HIS A 387 5.36 -4.52 -13.20
CA HIS A 387 6.68 -4.99 -13.63
C HIS A 387 7.32 -5.77 -12.49
N PRO A 388 6.71 -6.88 -12.04
CA PRO A 388 7.17 -7.51 -10.79
C PRO A 388 8.51 -8.23 -10.91
N GLU A 389 9.10 -8.31 -12.10
CA GLU A 389 10.35 -9.04 -12.30
C GLU A 389 11.47 -8.19 -12.88
N ASP A 390 11.27 -6.87 -13.01
CA ASP A 390 12.30 -5.97 -13.55
C ASP A 390 13.47 -5.95 -12.57
N PRO A 391 14.67 -6.36 -12.99
CA PRO A 391 15.83 -6.26 -12.10
C PRO A 391 16.07 -4.86 -11.57
N THR A 392 15.76 -3.81 -12.34
CA THR A 392 16.04 -2.47 -11.83
C THR A 392 15.04 -2.07 -10.75
N HIS A 393 13.73 -2.23 -11.00
CA HIS A 393 12.81 -1.88 -9.92
CA HIS A 393 12.72 -1.97 -9.97
C HIS A 393 13.05 -2.71 -8.68
N LEU A 394 13.51 -3.96 -8.82
CA LEU A 394 13.68 -4.82 -7.66
C LEU A 394 14.84 -4.35 -6.79
N ARG A 395 15.99 -4.11 -7.43
CA ARG A 395 17.13 -3.51 -6.77
C ARG A 395 16.74 -2.26 -5.98
N ASP A 396 16.20 -1.26 -6.68
CA ASP A 396 15.87 0.00 -6.01
C ASP A 396 14.80 -0.21 -4.95
N ALA A 397 13.93 -1.21 -5.15
CA ALA A 397 12.95 -1.56 -4.11
C ALA A 397 13.64 -2.16 -2.89
N MET A 398 14.68 -2.97 -3.11
CA MET A 398 15.39 -3.54 -1.98
C MET A 398 16.10 -2.46 -1.18
N SER A 399 16.70 -1.49 -1.86
CA SER A 399 17.29 -0.35 -1.15
C SER A 399 16.24 0.37 -0.35
N ALA A 400 15.03 0.52 -0.92
CA ALA A 400 13.99 1.29 -0.25
C ALA A 400 13.40 0.53 0.94
N VAL A 401 13.33 -0.81 0.89
CA VAL A 401 12.87 -1.55 2.06
C VAL A 401 13.78 -1.26 3.25
N VAL A 402 15.10 -1.38 3.02
CA VAL A 402 16.07 -1.21 4.09
C VAL A 402 16.12 0.25 4.55
N GLY A 403 16.03 1.19 3.60
CA GLY A 403 16.11 2.60 3.96
C GLY A 403 14.86 3.08 4.68
N ASP A 404 13.69 2.69 4.19
CA ASP A 404 12.43 3.05 4.83
C ASP A 404 12.33 2.47 6.24
N HIS A 405 12.60 1.17 6.37
CA HIS A 405 12.41 0.49 7.65
C HIS A 405 13.33 1.03 8.74
N ASN A 406 14.56 1.41 8.38
CA ASN A 406 15.56 1.79 9.39
C ASN A 406 15.72 3.29 9.60
N VAL A 407 15.52 4.12 8.58
CA VAL A 407 15.68 5.55 8.79
C VAL A 407 14.37 6.30 8.53
N VAL A 408 13.88 6.28 7.28
CA VAL A 408 12.87 7.27 6.88
C VAL A 408 11.59 7.13 7.68
N CYS A 409 11.16 5.91 7.98
CA CYS A 409 9.90 5.78 8.71
C CYS A 409 10.05 5.97 10.22
N PRO A 410 11.17 5.58 10.83
CA PRO A 410 11.44 6.06 12.20
C PRO A 410 11.49 7.57 12.32
N VAL A 411 12.20 8.26 11.42
CA VAL A 411 12.24 9.73 11.44
C VAL A 411 10.83 10.29 11.25
N ALA A 412 10.08 9.71 10.32
CA ALA A 412 8.70 10.13 10.14
C ALA A 412 7.89 9.96 11.43
N GLN A 413 8.08 8.82 12.10
CA GLN A 413 7.39 8.60 13.38
C GLN A 413 7.85 9.60 14.44
N LEU A 414 9.17 9.84 14.52
CA LEU A 414 9.68 10.80 15.49
C LEU A 414 9.17 12.21 15.19
N ALA A 415 9.18 12.62 13.91
CA ALA A 415 8.78 13.98 13.57
C ALA A 415 7.31 14.23 13.89
N GLY A 416 6.45 13.24 13.61
CA GLY A 416 5.04 13.41 13.88
C GLY A 416 4.68 13.34 15.35
N ARG A 417 5.39 12.51 16.12
CA ARG A 417 5.02 12.37 17.51
C ARG A 417 5.59 13.52 18.34
N LEU A 418 6.82 13.98 18.01
CA LEU A 418 7.33 15.19 18.65
C LEU A 418 6.43 16.38 18.35
N ALA A 419 6.07 16.55 17.07
CA ALA A 419 5.29 17.72 16.69
C ALA A 419 3.93 17.73 17.41
N ALA A 420 3.27 16.58 17.48
CA ALA A 420 2.00 16.49 18.19
C ALA A 420 2.14 16.90 19.65
N GLN A 421 3.35 16.79 20.21
CA GLN A 421 3.58 17.04 21.64
C GLN A 421 4.28 18.37 21.89
N GLY A 422 4.09 19.35 21.01
CA GLY A 422 4.49 20.73 21.27
C GLY A 422 5.85 21.15 20.77
N ALA A 423 6.63 20.24 20.18
CA ALA A 423 7.96 20.57 19.72
C ALA A 423 7.90 21.29 18.39
N ARG A 424 8.74 22.31 18.24
CA ARG A 424 8.93 22.92 16.93
C ARG A 424 9.87 22.04 16.13
N VAL A 425 9.35 21.40 15.07
CA VAL A 425 10.10 20.43 14.26
C VAL A 425 10.34 21.01 12.87
N TYR A 426 11.50 20.71 12.29
CA TYR A 426 11.84 21.10 10.93
C TYR A 426 12.45 19.90 10.22
N ALA A 427 11.95 19.60 9.04
CA ALA A 427 12.26 18.32 8.42
C ALA A 427 12.70 18.54 6.99
N TYR A 428 13.70 17.77 6.56
CA TYR A 428 14.30 17.92 5.23
C TYR A 428 14.50 16.56 4.60
N ILE A 429 14.69 16.53 3.28
CA ILE A 429 15.29 15.39 2.61
C ILE A 429 16.44 15.90 1.75
N PHE A 430 17.64 15.38 2.00
CA PHE A 430 18.85 15.74 1.29
C PHE A 430 18.95 14.93 0.00
N GLU A 431 18.98 15.61 -1.14
CA GLU A 431 18.82 14.95 -2.44
C GLU A 431 19.98 15.15 -3.40
N HIS A 432 21.08 15.76 -2.99
CA HIS A 432 22.18 16.04 -3.91
C HIS A 432 23.30 15.01 -3.74
N ARG A 433 23.72 14.42 -4.84
CA ARG A 433 24.80 13.44 -4.87
C ARG A 433 26.11 14.15 -5.16
N ALA A 434 27.10 13.99 -4.27
CA ALA A 434 28.37 14.67 -4.42
C ALA A 434 28.97 14.36 -5.79
N SER A 435 29.52 15.39 -6.44
CA SER A 435 30.17 15.14 -7.72
C SER A 435 31.37 14.24 -7.55
N THR A 436 31.91 14.16 -6.33
CA THR A 436 33.14 13.45 -5.98
C THR A 436 32.87 12.09 -5.35
N LEU A 437 31.62 11.67 -5.25
CA LEU A 437 31.29 10.36 -4.68
C LEU A 437 32.00 9.26 -5.45
N THR A 438 32.56 8.29 -4.71
CA THR A 438 33.24 7.16 -5.32
C THR A 438 32.40 5.90 -5.35
N TRP A 439 31.24 5.90 -4.70
CA TRP A 439 30.29 4.80 -4.82
C TRP A 439 29.57 4.85 -6.17
N PRO A 440 29.02 3.73 -6.64
CA PRO A 440 28.39 3.72 -7.96
C PRO A 440 27.11 4.55 -8.01
N LEU A 441 26.67 4.85 -9.24
CA LEU A 441 25.49 5.69 -9.39
C LEU A 441 24.25 5.04 -8.85
N TRP A 442 24.14 3.70 -8.95
CA TRP A 442 22.90 3.07 -8.52
C TRP A 442 22.63 3.30 -7.04
N MET A 443 23.66 3.62 -6.23
CA MET A 443 23.37 3.87 -4.82
C MET A 443 22.79 5.24 -4.55
N GLY A 444 22.74 6.12 -5.54
CA GLY A 444 22.06 7.39 -5.34
C GLY A 444 22.82 8.30 -4.38
N VAL A 445 22.08 8.90 -3.45
CA VAL A 445 22.67 9.68 -2.35
C VAL A 445 22.66 8.78 -1.12
N PRO A 446 23.76 8.11 -0.81
CA PRO A 446 23.73 7.07 0.24
C PRO A 446 23.79 7.65 1.64
N HIS A 447 23.49 6.79 2.60
CA HIS A 447 23.64 7.07 4.02
C HIS A 447 25.00 7.70 4.32
N GLY A 448 24.99 8.94 4.83
CA GLY A 448 26.18 9.61 5.33
C GLY A 448 26.75 10.71 4.45
N TYR A 449 26.31 10.87 3.20
CA TYR A 449 26.92 11.83 2.29
C TYR A 449 26.16 13.15 2.22
N GLU A 450 25.41 13.47 3.28
CA GLU A 450 25.05 14.85 3.65
C GLU A 450 26.21 15.55 4.35
N ILE A 451 27.04 14.78 5.04
CA ILE A 451 27.82 15.29 6.15
C ILE A 451 28.92 16.21 5.65
N GLU A 452 29.59 15.80 4.56
CA GLU A 452 30.66 16.62 3.99
C GLU A 452 30.15 18.00 3.60
N PHE A 453 28.84 18.15 3.39
CA PHE A 453 28.29 19.45 3.03
C PHE A 453 27.87 20.28 4.24
N ILE A 454 27.40 19.65 5.32
CA ILE A 454 27.05 20.39 6.53
C ILE A 454 28.31 21.02 7.13
N PHE A 455 29.42 20.26 7.13
CA PHE A 455 30.67 20.72 7.73
C PHE A 455 31.46 21.64 6.80
N GLY A 456 31.11 21.65 5.51
CA GLY A 456 31.62 22.63 4.57
C GLY A 456 32.89 22.28 3.83
N LEU A 457 33.23 21.00 3.74
CA LEU A 457 34.41 20.58 2.98
C LEU A 457 34.45 21.14 1.56
N PRO A 458 33.32 21.23 0.80
CA PRO A 458 33.37 21.87 -0.53
C PRO A 458 34.15 23.19 -0.58
N LEU A 459 34.27 23.89 0.57
CA LEU A 459 34.98 25.16 0.61
C LEU A 459 36.50 24.99 0.46
N ASP A 460 37.01 23.75 0.50
CA ASP A 460 38.41 23.43 0.31
C ASP A 460 38.74 23.32 -1.17
N PRO A 461 39.43 24.28 -1.76
CA PRO A 461 39.68 24.23 -3.21
C PRO A 461 40.28 22.92 -3.66
N SER A 462 41.21 22.39 -2.86
CA SER A 462 41.93 21.16 -3.19
C SER A 462 41.02 19.93 -3.31
N LEU A 463 39.77 20.02 -2.89
CA LEU A 463 38.92 18.85 -2.83
C LEU A 463 38.06 18.66 -4.07
N ASN A 464 38.13 19.58 -5.04
CA ASN A 464 37.60 19.38 -6.39
C ASN A 464 36.06 19.29 -6.41
N TYR A 465 35.37 19.97 -5.50
CA TYR A 465 33.93 20.11 -5.65
C TYR A 465 33.62 21.20 -6.67
N THR A 466 32.42 21.15 -7.24
CA THR A 466 31.99 22.17 -8.20
C THR A 466 31.74 23.48 -7.49
N THR A 467 31.65 24.57 -8.27
CA THR A 467 31.36 25.87 -7.68
C THR A 467 29.98 25.88 -7.02
N GLU A 468 28.96 25.35 -7.72
CA GLU A 468 27.64 25.26 -7.12
C GLU A 468 27.66 24.43 -5.85
N GLU A 469 28.46 23.37 -5.81
CA GLU A 469 28.56 22.58 -4.59
C GLU A 469 29.08 23.41 -3.43
N ARG A 470 29.88 24.43 -3.73
CA ARG A 470 30.47 25.24 -2.66
C ARG A 470 29.46 26.24 -2.13
N ILE A 471 28.73 26.92 -3.04
CA ILE A 471 27.56 27.71 -2.65
C ILE A 471 26.54 26.85 -1.89
N PHE A 472 26.28 25.64 -2.38
CA PHE A 472 25.32 24.78 -1.71
C PHE A 472 25.76 24.53 -0.28
N ALA A 473 27.04 24.20 -0.09
CA ALA A 473 27.53 23.88 1.25
C ALA A 473 27.42 25.08 2.18
N GLN A 474 27.75 26.28 1.67
CA GLN A 474 27.55 27.50 2.44
C GLN A 474 26.11 27.66 2.89
N ARG A 475 25.16 27.30 2.01
CA ARG A 475 23.75 27.47 2.31
C ARG A 475 23.33 26.59 3.49
N LEU A 476 23.74 25.31 3.48
CA LEU A 476 23.35 24.42 4.57
C LEU A 476 24.12 24.71 5.84
N MET A 477 25.34 25.22 5.72
CA MET A 477 26.03 25.73 6.90
C MET A 477 25.23 26.87 7.54
N LYS A 478 24.64 27.75 6.74
CA LYS A 478 23.82 28.80 7.34
C LYS A 478 22.51 28.25 7.90
N TYR A 479 21.91 27.24 7.25
CA TYR A 479 20.72 26.60 7.83
C TYR A 479 21.02 26.03 9.20
N TRP A 480 22.06 25.19 9.29
CA TRP A 480 22.37 24.51 10.54
C TRP A 480 22.74 25.50 11.64
N THR A 481 23.57 26.51 11.31
CA THR A 481 24.01 27.48 12.31
C THR A 481 22.88 28.43 12.71
N ASN A 482 22.09 28.90 11.75
CA ASN A 482 20.92 29.70 12.10
C ASN A 482 20.03 28.96 13.09
N PHE A 483 19.87 27.63 12.89
CA PHE A 483 19.05 26.85 13.81
C PHE A 483 19.71 26.73 15.18
N ALA A 484 21.04 26.57 15.22
CA ALA A 484 21.74 26.55 16.51
C ALA A 484 21.60 27.88 17.26
N ARG A 485 21.54 29.00 16.53
CA ARG A 485 21.48 30.33 17.13
C ARG A 485 20.07 30.69 17.58
N THR A 486 19.07 30.44 16.73
CA THR A 486 17.72 30.98 16.90
C THR A 486 16.65 29.92 17.07
N GLY A 487 16.96 28.64 16.88
CA GLY A 487 15.92 27.64 16.86
C GLY A 487 15.05 27.68 15.63
N ASP A 488 15.61 28.04 14.49
CA ASP A 488 14.88 28.34 13.26
C ASP A 488 15.90 28.46 12.13
N PRO A 489 15.87 27.57 11.13
CA PRO A 489 16.94 27.56 10.12
C PRO A 489 16.84 28.72 9.16
N ASN A 490 15.74 29.47 9.20
CA ASN A 490 15.50 30.52 8.22
C ASN A 490 16.36 31.74 8.50
N ASP A 491 16.67 32.49 7.43
CA ASP A 491 17.41 33.75 7.58
C ASP A 491 16.44 34.85 7.98
N PRO A 492 16.73 35.60 9.04
CA PRO A 492 15.84 36.73 9.34
C PRO A 492 15.87 37.79 8.25
N ARG A 493 17.08 38.09 7.72
CA ARG A 493 17.22 39.15 6.73
C ARG A 493 16.68 38.71 5.37
N ASP A 494 16.93 37.47 4.98
CA ASP A 494 16.59 36.98 3.64
C ASP A 494 15.11 36.60 3.60
N SER A 495 14.27 37.58 3.31
CA SER A 495 12.82 37.37 3.28
C SER A 495 12.36 36.84 1.93
N LYS A 496 12.97 37.32 0.84
CA LYS A 496 12.55 36.93 -0.50
C LYS A 496 12.78 35.44 -0.76
N SER A 497 13.87 34.88 -0.22
CA SER A 497 14.19 33.46 -0.26
C SER A 497 12.96 32.64 0.08
N PRO A 498 12.83 31.43 -0.46
CA PRO A 498 11.76 30.54 -0.01
C PRO A 498 11.98 30.14 1.44
N GLN A 499 10.90 30.15 2.21
CA GLN A 499 10.95 29.88 3.64
C GLN A 499 10.83 28.39 3.95
N TRP A 500 11.44 27.97 5.06
CA TRP A 500 11.42 26.60 5.55
C TRP A 500 10.38 26.50 6.65
N PRO A 501 9.24 25.85 6.42
CA PRO A 501 8.16 25.86 7.41
C PRO A 501 8.30 24.70 8.37
N PRO A 502 7.77 24.84 9.59
CA PRO A 502 7.81 23.72 10.54
C PRO A 502 6.96 22.54 10.07
N TYR A 503 7.43 21.34 10.41
CA TYR A 503 6.66 20.11 10.20
C TYR A 503 5.53 20.05 11.22
N THR A 504 4.28 20.05 10.73
CA THR A 504 3.07 19.97 11.53
C THR A 504 2.40 18.61 11.35
N THR A 505 1.63 18.18 12.34
CA THR A 505 0.81 17.00 12.12
C THR A 505 -0.24 17.24 11.05
N ALA A 506 -0.77 18.47 10.96
CA ALA A 506 -1.87 18.73 10.03
C ALA A 506 -1.38 18.83 8.59
N ALA A 507 -0.19 19.40 8.35
CA ALA A 507 0.26 19.60 6.98
C ALA A 507 1.50 18.81 6.60
N GLN A 508 2.29 18.36 7.57
CA GLN A 508 3.47 17.53 7.32
C GLN A 508 4.38 18.10 6.23
N GLN A 509 4.69 19.39 6.37
CA GLN A 509 5.59 20.07 5.46
C GLN A 509 7.05 19.76 5.75
N TYR A 510 7.84 19.64 4.69
CA TYR A 510 9.28 19.44 4.78
C TYR A 510 9.89 20.00 3.50
N VAL A 511 11.20 20.30 3.54
CA VAL A 511 11.87 20.94 2.41
C VAL A 511 12.86 19.98 1.79
N SER A 512 13.13 20.18 0.50
CA SER A 512 14.15 19.44 -0.22
C SER A 512 15.46 20.23 -0.23
N LEU A 513 16.54 19.58 0.20
CA LEU A 513 17.86 20.19 0.19
C LEU A 513 18.61 19.70 -1.06
N ASN A 514 18.72 20.55 -2.07
CA ASN A 514 19.52 20.24 -3.26
C ASN A 514 19.97 21.55 -3.89
N LEU A 515 20.55 21.47 -5.10
CA LEU A 515 21.18 22.64 -5.70
C LEU A 515 20.17 23.71 -6.09
N LYS A 516 18.93 23.32 -6.38
CA LYS A 516 17.88 24.30 -6.61
C LYS A 516 17.45 24.91 -5.28
N PRO A 517 16.77 26.06 -5.30
CA PRO A 517 16.22 26.63 -4.07
C PRO A 517 15.27 25.68 -3.37
N LEU A 518 15.07 25.92 -2.08
CA LEU A 518 14.18 25.12 -1.26
C LEU A 518 12.81 24.97 -1.92
N GLU A 519 12.34 23.72 -2.00
CA GLU A 519 10.98 23.42 -2.46
C GLU A 519 10.27 22.68 -1.33
N VAL A 520 9.04 23.08 -1.03
CA VAL A 520 8.32 22.51 0.11
C VAL A 520 7.44 21.37 -0.36
N ARG A 521 7.48 20.26 0.39
CA ARG A 521 6.69 19.07 0.10
C ARG A 521 5.89 18.67 1.33
N ARG A 522 4.79 17.98 1.08
CA ARG A 522 3.91 17.45 2.12
C ARG A 522 3.98 15.92 2.09
N GLY A 523 4.24 15.32 3.25
CA GLY A 523 4.15 13.89 3.39
C GLY A 523 5.45 13.14 3.32
N LEU A 524 6.05 12.90 4.48
CA LEU A 524 7.25 12.06 4.59
C LEU A 524 6.93 10.60 4.32
N ARG A 525 7.09 10.16 3.05
CA ARG A 525 6.61 8.86 2.58
C ARG A 525 5.39 8.41 3.35
N ALA A 526 4.32 9.22 3.32
CA ALA A 526 3.22 9.01 4.26
C ALA A 526 2.59 7.63 4.10
N GLN A 527 2.16 7.26 2.88
CA GLN A 527 1.48 5.98 2.69
C GLN A 527 2.34 4.81 3.13
N THR A 528 3.58 4.75 2.65
CA THR A 528 4.47 3.63 2.97
C THR A 528 4.88 3.60 4.44
N CYS A 529 4.93 4.75 5.11
CA CYS A 529 5.27 4.71 6.52
C CYS A 529 4.06 4.44 7.39
N ALA A 530 2.85 4.66 6.88
CA ALA A 530 1.69 4.08 7.53
C ALA A 530 1.84 2.58 7.60
N PHE A 531 2.40 1.97 6.55
CA PHE A 531 2.62 0.53 6.55
C PHE A 531 3.58 0.11 7.65
N TRP A 532 4.73 0.76 7.74
CA TRP A 532 5.74 0.32 8.70
C TRP A 532 5.39 0.72 10.12
N ASN A 533 4.82 1.92 10.29
CA ASN A 533 4.65 2.44 11.64
C ASN A 533 3.31 2.05 12.25
N ARG A 534 2.30 1.76 11.43
CA ARG A 534 0.97 1.42 11.93
C ARG A 534 0.62 -0.05 11.74
N PHE A 535 0.60 -0.54 10.50
CA PHE A 535 0.11 -1.90 10.27
C PHE A 535 1.09 -2.95 10.76
N LEU A 536 2.37 -2.81 10.43
CA LEU A 536 3.34 -3.86 10.75
C LEU A 536 3.43 -4.19 12.24
N PRO A 537 3.45 -3.22 13.17
CA PRO A 537 3.39 -3.60 14.59
C PRO A 537 2.18 -4.47 14.93
N LYS A 538 1.00 -4.17 14.36
CA LYS A 538 -0.19 -4.97 14.66
C LYS A 538 -0.13 -6.37 14.06
N LEU A 539 0.70 -6.60 13.03
CA LEU A 539 0.75 -7.91 12.39
C LEU A 539 1.67 -8.88 13.12
N LEU A 540 2.78 -8.40 13.69
CA LEU A 540 3.55 -9.25 14.61
C LEU A 540 3.00 -9.24 16.03
N SER A 541 1.96 -8.44 16.28
CA SER A 541 1.10 -8.56 17.45
C SER A 541 -0.01 -9.59 17.23
N ALA A 542 0.27 -10.65 16.47
CA ALA A 542 -0.69 -11.68 16.11
C ALA A 542 0.00 -12.78 15.30
N GLU B 4 -52.30 -10.29 -41.72
CA GLU B 4 -51.35 -11.30 -41.26
C GLU B 4 -49.98 -11.14 -41.93
N ASP B 5 -49.03 -10.49 -41.22
CA ASP B 5 -47.68 -10.21 -41.71
C ASP B 5 -46.78 -11.43 -41.60
N PRO B 6 -46.39 -12.07 -42.71
CA PRO B 6 -45.59 -13.29 -42.63
C PRO B 6 -44.26 -13.10 -41.94
N GLN B 7 -43.75 -11.87 -41.85
CA GLN B 7 -42.52 -11.63 -41.10
C GLN B 7 -42.70 -11.89 -39.62
N LEU B 8 -43.91 -11.76 -39.10
CA LEU B 8 -44.18 -11.96 -37.69
C LEU B 8 -44.63 -13.37 -37.35
N LEU B 9 -44.74 -14.25 -38.34
CA LEU B 9 -45.07 -15.64 -38.11
C LEU B 9 -43.80 -16.49 -38.12
N VAL B 10 -43.52 -17.15 -37.01
CA VAL B 10 -42.38 -18.06 -36.91
C VAL B 10 -42.84 -19.39 -36.34
N ARG B 11 -42.31 -20.48 -36.90
CA ARG B 11 -42.58 -21.83 -36.39
C ARG B 11 -41.35 -22.34 -35.65
N VAL B 12 -41.47 -22.50 -34.34
CA VAL B 12 -40.43 -23.09 -33.52
C VAL B 12 -40.77 -24.55 -33.28
N ARG B 13 -39.83 -25.30 -32.72
CA ARG B 13 -40.03 -26.71 -32.45
C ARG B 13 -41.22 -26.98 -31.56
N GLY B 14 -41.81 -25.98 -30.93
CA GLY B 14 -42.89 -26.22 -29.99
C GLY B 14 -44.23 -25.75 -30.48
N GLY B 15 -44.24 -25.14 -31.65
CA GLY B 15 -45.46 -24.66 -32.26
C GLY B 15 -45.18 -23.39 -33.03
N GLN B 16 -46.23 -22.59 -33.22
CA GLN B 16 -46.12 -21.33 -33.95
C GLN B 16 -46.35 -20.12 -33.06
N LEU B 17 -45.61 -19.04 -33.35
CA LEU B 17 -45.63 -17.80 -32.62
C LEU B 17 -46.04 -16.66 -33.53
N ARG B 18 -46.63 -15.61 -32.94
CA ARG B 18 -46.78 -14.31 -33.60
C ARG B 18 -46.01 -13.26 -32.82
N GLY B 19 -45.07 -12.60 -33.50
CA GLY B 19 -44.40 -11.44 -32.95
C GLY B 19 -45.13 -10.16 -33.26
N ILE B 20 -44.44 -9.05 -33.03
CA ILE B 20 -45.03 -7.73 -33.22
C ILE B 20 -43.99 -6.85 -33.89
N ARG B 21 -44.45 -5.93 -34.73
CA ARG B 21 -43.56 -4.97 -35.39
C ARG B 21 -43.50 -3.70 -34.55
N LEU B 22 -42.31 -3.36 -34.08
CA LEU B 22 -42.08 -2.18 -33.28
C LEU B 22 -41.31 -1.15 -34.09
N LYS B 23 -41.51 0.12 -33.74
CA LYS B 23 -40.71 1.23 -34.29
C LYS B 23 -39.51 1.48 -33.38
N ALA B 24 -38.33 1.39 -33.95
CA ALA B 24 -37.06 1.91 -33.46
C ALA B 24 -36.72 3.17 -34.26
N PRO B 25 -35.78 4.02 -33.80
CA PRO B 25 -35.71 5.36 -34.41
C PRO B 25 -35.47 5.33 -35.91
N GLY B 26 -34.63 4.40 -36.38
CA GLY B 26 -34.25 4.34 -37.77
C GLY B 26 -34.95 3.29 -38.59
N GLY B 27 -35.90 2.55 -38.01
CA GLY B 27 -36.67 1.58 -38.76
C GLY B 27 -37.46 0.62 -37.89
N PRO B 28 -38.08 -0.36 -38.52
CA PRO B 28 -38.82 -1.38 -37.76
C PRO B 28 -37.93 -2.51 -37.28
N VAL B 29 -38.44 -3.22 -36.27
CA VAL B 29 -37.85 -4.45 -35.76
C VAL B 29 -38.96 -5.47 -35.53
N SER B 30 -38.62 -6.73 -35.72
CA SER B 30 -39.46 -7.85 -35.30
C SER B 30 -39.13 -8.21 -33.86
N ALA B 31 -40.12 -8.18 -32.98
CA ALA B 31 -39.91 -8.61 -31.61
C ALA B 31 -40.85 -9.77 -31.28
N PHE B 32 -40.33 -10.76 -30.59
CA PHE B 32 -41.10 -11.92 -30.15
C PHE B 32 -40.90 -12.04 -28.65
N LEU B 33 -41.84 -11.50 -27.90
CA LEU B 33 -41.72 -11.39 -26.46
C LEU B 33 -42.64 -12.37 -25.75
N GLY B 34 -42.15 -12.96 -24.65
CA GLY B 34 -42.95 -13.85 -23.84
C GLY B 34 -42.96 -15.29 -24.27
N ILE B 35 -41.95 -15.73 -25.01
CA ILE B 35 -41.91 -17.10 -25.53
C ILE B 35 -41.63 -18.05 -24.39
N PRO B 36 -42.48 -19.05 -24.14
CA PRO B 36 -42.19 -20.02 -23.08
C PRO B 36 -41.07 -20.95 -23.50
N PHE B 37 -40.07 -21.12 -22.62
CA PHE B 37 -39.03 -22.10 -22.89
C PHE B 37 -39.03 -23.22 -21.87
N ALA B 38 -39.90 -23.16 -20.86
CA ALA B 38 -39.94 -24.22 -19.87
C ALA B 38 -41.34 -24.33 -19.30
N GLU B 39 -41.65 -25.52 -18.78
CA GLU B 39 -42.89 -25.73 -18.03
C GLU B 39 -42.89 -24.82 -16.80
N PRO B 40 -44.01 -24.17 -16.52
CA PRO B 40 -44.08 -23.25 -15.37
C PRO B 40 -43.68 -23.93 -14.08
N PRO B 41 -42.57 -23.46 -13.41
CA PRO B 41 -42.03 -24.13 -12.23
C PRO B 41 -42.84 -23.87 -10.95
N VAL B 42 -44.14 -24.08 -11.04
CA VAL B 42 -45.05 -23.73 -9.96
C VAL B 42 -45.41 -24.96 -9.15
N GLY B 43 -46.07 -24.75 -8.02
CA GLY B 43 -46.52 -25.84 -7.19
C GLY B 43 -45.40 -26.72 -6.71
N SER B 44 -45.43 -27.97 -7.13
CA SER B 44 -44.47 -28.95 -6.67
C SER B 44 -43.19 -28.91 -7.48
N ARG B 45 -43.18 -28.19 -8.59
CA ARG B 45 -41.96 -28.01 -9.35
C ARG B 45 -41.11 -26.84 -8.83
N ARG B 46 -41.48 -26.25 -7.69
CA ARG B 46 -40.68 -25.21 -7.07
C ARG B 46 -39.36 -25.77 -6.57
N PHE B 47 -38.30 -24.95 -6.66
CA PHE B 47 -36.91 -25.30 -6.38
C PHE B 47 -36.35 -26.39 -7.30
N MET B 48 -37.12 -26.89 -8.27
CA MET B 48 -36.71 -28.01 -9.09
C MET B 48 -36.05 -27.55 -10.38
N PRO B 49 -35.21 -28.38 -11.00
CA PRO B 49 -34.67 -28.04 -12.31
C PRO B 49 -35.81 -27.84 -13.32
N PRO B 50 -35.62 -26.93 -14.27
CA PRO B 50 -36.70 -26.64 -15.23
C PRO B 50 -36.91 -27.79 -16.19
N GLU B 51 -38.18 -27.91 -16.66
CA GLU B 51 -38.38 -28.91 -17.70
C GLU B 51 -38.74 -28.24 -19.02
N PRO B 52 -38.29 -28.81 -20.13
CA PRO B 52 -38.66 -28.25 -21.45
C PRO B 52 -40.16 -28.10 -21.65
N LYS B 53 -40.56 -27.00 -22.28
CA LYS B 53 -41.97 -26.69 -22.47
C LYS B 53 -42.63 -27.65 -23.46
N ARG B 54 -43.83 -28.13 -23.10
CA ARG B 54 -44.55 -28.99 -24.03
C ARG B 54 -45.03 -28.20 -25.24
N PRO B 55 -45.19 -28.86 -26.38
CA PRO B 55 -45.70 -28.16 -27.58
C PRO B 55 -47.10 -27.62 -27.35
N TRP B 56 -47.49 -26.69 -28.21
CA TRP B 56 -48.78 -26.01 -28.09
C TRP B 56 -49.52 -26.01 -29.42
N SER B 57 -50.85 -25.93 -29.31
CA SER B 57 -51.80 -25.81 -30.41
C SER B 57 -51.83 -24.40 -30.96
N GLY B 58 -52.40 -24.27 -32.16
CA GLY B 58 -52.59 -22.97 -32.77
C GLY B 58 -51.37 -22.08 -32.87
N VAL B 59 -51.58 -20.77 -32.96
CA VAL B 59 -50.49 -19.81 -33.06
C VAL B 59 -50.47 -19.03 -31.76
N LEU B 60 -49.37 -19.18 -31.00
CA LEU B 60 -49.25 -18.60 -29.68
C LEU B 60 -48.85 -17.13 -29.79
N ASP B 61 -49.53 -16.29 -29.03
CA ASP B 61 -49.34 -14.85 -29.08
C ASP B 61 -48.11 -14.45 -28.28
N ALA B 62 -47.10 -13.89 -28.96
CA ALA B 62 -45.82 -13.48 -28.38
C ALA B 62 -45.56 -12.01 -28.69
N THR B 63 -46.55 -11.17 -28.42
CA THR B 63 -46.44 -9.74 -28.66
C THR B 63 -46.26 -8.93 -27.39
N THR B 64 -46.21 -9.58 -26.22
CA THR B 64 -46.26 -8.91 -24.94
C THR B 64 -45.19 -9.49 -24.01
N PHE B 65 -44.75 -8.69 -23.04
CA PHE B 65 -43.75 -9.20 -22.11
C PHE B 65 -44.45 -10.07 -21.08
N GLN B 66 -43.84 -11.21 -20.78
CA GLN B 66 -44.45 -12.09 -19.78
C GLN B 66 -44.02 -11.65 -18.38
N ASN B 67 -44.57 -12.33 -17.37
CA ASN B 67 -44.40 -11.91 -15.98
C ASN B 67 -42.94 -12.04 -15.53
N VAL B 68 -42.56 -11.20 -14.57
CA VAL B 68 -41.21 -11.24 -14.03
C VAL B 68 -41.20 -12.26 -12.89
N CYS B 69 -40.05 -12.89 -12.67
CA CYS B 69 -39.99 -13.95 -11.68
C CYS B 69 -40.21 -13.37 -10.29
N TYR B 70 -40.75 -14.20 -9.39
CA TYR B 70 -41.06 -13.67 -8.06
C TYR B 70 -39.76 -13.31 -7.34
N GLN B 71 -39.73 -12.08 -6.81
CA GLN B 71 -38.52 -11.48 -6.29
C GLN B 71 -38.86 -10.35 -5.33
N TYR B 72 -37.89 -10.02 -4.49
CA TYR B 72 -38.03 -8.88 -3.60
C TYR B 72 -38.06 -7.58 -4.42
N VAL B 73 -38.89 -6.63 -3.97
CA VAL B 73 -39.03 -5.34 -4.65
C VAL B 73 -38.51 -4.24 -3.71
N ASP B 74 -37.71 -3.33 -4.28
CA ASP B 74 -37.01 -2.35 -3.46
C ASP B 74 -37.95 -1.23 -3.02
N THR B 75 -37.67 -0.70 -1.82
CA THR B 75 -38.59 0.16 -1.10
C THR B 75 -37.96 1.44 -0.62
N LEU B 76 -36.65 1.60 -0.77
CA LEU B 76 -35.97 2.61 0.02
C LEU B 76 -36.25 4.01 -0.51
N TYR B 77 -36.26 4.20 -1.82
CA TYR B 77 -36.66 5.48 -2.42
C TYR B 77 -37.90 5.23 -3.28
N PRO B 78 -39.10 5.30 -2.69
CA PRO B 78 -40.31 4.95 -3.45
C PRO B 78 -40.57 5.96 -4.56
N GLY B 79 -40.81 5.45 -5.77
CA GLY B 79 -41.11 6.30 -6.90
C GLY B 79 -39.96 7.16 -7.40
N PHE B 80 -38.73 6.82 -7.03
CA PHE B 80 -37.55 7.51 -7.52
C PHE B 80 -37.01 6.76 -8.74
N GLU B 81 -36.74 7.50 -9.83
CA GLU B 81 -36.41 6.88 -11.10
C GLU B 81 -35.15 6.03 -11.01
N GLY B 82 -34.18 6.44 -10.21
CA GLY B 82 -32.93 5.69 -10.15
C GLY B 82 -33.07 4.30 -9.61
N THR B 83 -34.09 4.04 -8.79
CA THR B 83 -34.33 2.72 -8.22
C THR B 83 -35.47 1.99 -8.92
N GLU B 84 -36.57 2.71 -9.21
CA GLU B 84 -37.69 2.12 -9.91
C GLU B 84 -37.27 1.55 -11.26
N MET B 85 -36.24 2.13 -11.88
CA MET B 85 -35.82 1.67 -13.20
C MET B 85 -35.28 0.24 -13.18
N TRP B 86 -34.88 -0.26 -12.00
CA TRP B 86 -34.48 -1.65 -11.82
C TRP B 86 -35.59 -2.54 -11.29
N ASN B 87 -36.72 -1.96 -10.89
CA ASN B 87 -37.82 -2.67 -10.27
C ASN B 87 -38.68 -3.35 -11.33
N PRO B 88 -39.44 -4.39 -10.95
CA PRO B 88 -40.24 -5.13 -11.94
C PRO B 88 -41.28 -4.24 -12.60
N ASN B 89 -41.41 -4.38 -13.93
CA ASN B 89 -42.35 -3.60 -14.73
C ASN B 89 -43.46 -4.44 -15.34
N ARG B 90 -43.61 -5.70 -14.92
CA ARG B 90 -44.81 -6.48 -15.16
C ARG B 90 -45.22 -7.16 -13.85
N GLU B 91 -46.26 -7.99 -13.90
CA GLU B 91 -46.72 -8.63 -12.67
C GLU B 91 -45.68 -9.65 -12.19
N LEU B 92 -45.64 -9.86 -10.88
CA LEU B 92 -44.79 -10.89 -10.29
C LEU B 92 -45.53 -12.23 -10.33
N SER B 93 -44.84 -13.27 -10.79
CA SER B 93 -45.39 -14.62 -10.82
C SER B 93 -44.25 -15.62 -10.69
N GLU B 94 -44.53 -16.78 -10.11
CA GLU B 94 -43.58 -17.88 -10.24
C GLU B 94 -43.60 -18.46 -11.63
N ASP B 95 -44.69 -18.26 -12.36
CA ASP B 95 -44.76 -18.71 -13.73
C ASP B 95 -44.14 -17.62 -14.59
N CYS B 96 -42.83 -17.75 -14.81
CA CYS B 96 -42.05 -16.67 -15.39
C CYS B 96 -40.97 -17.12 -16.36
N LEU B 97 -40.88 -18.41 -16.70
CA LEU B 97 -39.81 -18.89 -17.57
C LEU B 97 -40.18 -18.66 -19.03
N TYR B 98 -39.89 -17.43 -19.48
CA TYR B 98 -40.15 -17.00 -20.85
C TYR B 98 -38.96 -16.18 -21.32
N LEU B 99 -38.81 -16.12 -22.65
CA LEU B 99 -37.71 -15.39 -23.24
C LEU B 99 -38.22 -14.49 -24.35
N ASN B 100 -37.34 -13.58 -24.77
CA ASN B 100 -37.67 -12.56 -25.74
C ASN B 100 -36.62 -12.58 -26.84
N VAL B 101 -37.04 -12.43 -28.09
CA VAL B 101 -36.14 -12.33 -29.22
C VAL B 101 -36.47 -11.05 -29.99
N TRP B 102 -35.44 -10.24 -30.27
CA TRP B 102 -35.56 -9.14 -31.22
C TRP B 102 -34.71 -9.45 -32.45
N THR B 103 -35.21 -9.03 -33.62
CA THR B 103 -34.72 -9.39 -34.93
C THR B 103 -35.03 -8.25 -35.88
N PRO B 104 -34.09 -7.85 -36.74
CA PRO B 104 -34.42 -6.84 -37.76
C PRO B 104 -35.62 -7.22 -38.61
N TYR B 105 -36.35 -6.20 -39.05
CA TYR B 105 -37.48 -6.34 -39.95
C TYR B 105 -37.07 -5.75 -41.30
N PRO B 106 -36.94 -6.55 -42.36
CA PRO B 106 -37.25 -7.99 -42.42
C PRO B 106 -36.19 -8.87 -41.78
N ARG B 107 -36.56 -10.12 -41.49
CA ARG B 107 -35.66 -11.04 -40.81
C ARG B 107 -34.38 -11.21 -41.63
N PRO B 108 -33.23 -11.36 -40.99
CA PRO B 108 -31.96 -11.46 -41.72
C PRO B 108 -32.01 -12.51 -42.82
N ALA B 109 -31.50 -12.14 -44.00
CA ALA B 109 -31.38 -13.08 -45.10
C ALA B 109 -30.27 -14.11 -44.88
N SER B 110 -29.29 -13.80 -44.04
CA SER B 110 -28.17 -14.67 -43.73
C SER B 110 -28.14 -14.96 -42.24
N PRO B 111 -27.59 -16.11 -41.83
CA PRO B 111 -27.41 -16.37 -40.40
C PRO B 111 -26.62 -15.27 -39.70
N THR B 112 -27.27 -14.60 -38.74
CA THR B 112 -26.76 -13.42 -38.06
C THR B 112 -26.29 -13.76 -36.66
N PRO B 113 -25.14 -13.22 -36.23
CA PRO B 113 -24.67 -13.46 -34.86
C PRO B 113 -25.75 -13.16 -33.82
N VAL B 114 -25.80 -14.02 -32.82
CA VAL B 114 -26.79 -13.96 -31.74
C VAL B 114 -26.12 -13.39 -30.49
N LEU B 115 -26.82 -12.49 -29.81
CA LEU B 115 -26.40 -11.96 -28.51
C LEU B 115 -27.43 -12.34 -27.46
N ILE B 116 -27.03 -13.11 -26.46
CA ILE B 116 -27.93 -13.48 -25.37
C ILE B 116 -27.59 -12.66 -24.14
N TRP B 117 -28.60 -12.03 -23.55
CA TRP B 117 -28.42 -11.15 -22.40
C TRP B 117 -28.94 -11.78 -21.12
N ILE B 118 -28.10 -11.82 -20.10
CA ILE B 118 -28.43 -12.39 -18.79
C ILE B 118 -28.42 -11.25 -17.78
N TYR B 119 -29.59 -10.83 -17.34
CA TYR B 119 -29.67 -9.67 -16.46
C TYR B 119 -29.01 -9.97 -15.11
N GLY B 120 -28.85 -8.90 -14.33
CA GLY B 120 -28.39 -8.98 -12.98
C GLY B 120 -29.46 -8.60 -11.98
N GLY B 121 -29.02 -8.29 -10.77
CA GLY B 121 -29.96 -8.11 -9.67
C GLY B 121 -29.58 -9.00 -8.50
N GLY B 122 -28.28 -9.18 -8.28
CA GLY B 122 -27.73 -9.91 -7.15
C GLY B 122 -28.26 -11.32 -6.93
N PHE B 123 -28.63 -12.00 -8.02
CA PHE B 123 -29.30 -13.30 -7.97
C PHE B 123 -30.58 -13.26 -7.15
N TYR B 124 -31.05 -12.06 -6.80
CA TYR B 124 -32.23 -11.87 -5.96
C TYR B 124 -33.36 -11.11 -6.65
N SER B 125 -33.10 -10.51 -7.81
CA SER B 125 -34.08 -9.63 -8.46
C SER B 125 -33.73 -9.56 -9.94
N GLY B 126 -34.47 -8.73 -10.66
CA GLY B 126 -34.25 -8.48 -12.08
C GLY B 126 -35.31 -9.14 -12.96
N ALA B 127 -35.33 -8.70 -14.23
CA ALA B 127 -36.21 -9.21 -15.28
C ALA B 127 -35.68 -8.71 -16.61
N ALA B 128 -36.21 -9.28 -17.70
CA ALA B 128 -35.76 -8.94 -19.04
C ALA B 128 -36.64 -7.89 -19.72
N SER B 129 -37.75 -7.52 -19.11
CA SER B 129 -38.69 -6.56 -19.67
C SER B 129 -38.36 -5.11 -19.31
N LEU B 130 -37.33 -4.93 -18.47
CA LEU B 130 -36.87 -3.59 -18.10
C LEU B 130 -36.49 -2.81 -19.34
N ASP B 131 -36.76 -1.51 -19.33
CA ASP B 131 -36.53 -0.75 -20.54
C ASP B 131 -35.05 -0.60 -20.88
N VAL B 132 -34.14 -0.74 -19.90
N VAL B 132 -34.14 -0.74 -19.90
CA VAL B 132 -32.70 -0.66 -20.19
CA VAL B 132 -32.70 -0.66 -20.19
C VAL B 132 -32.19 -1.88 -20.93
C VAL B 132 -32.19 -1.89 -20.93
N TYR B 133 -32.97 -2.95 -21.02
CA TYR B 133 -32.59 -4.14 -21.78
C TYR B 133 -33.36 -4.22 -23.09
N ASP B 134 -33.99 -3.14 -23.51
CA ASP B 134 -34.72 -3.06 -24.77
C ASP B 134 -33.80 -3.42 -25.95
N GLY B 135 -34.10 -4.52 -26.62
CA GLY B 135 -33.27 -5.05 -27.68
C GLY B 135 -33.46 -4.43 -29.06
N ARG B 136 -34.40 -3.48 -29.22
CA ARG B 136 -34.71 -2.99 -30.54
C ARG B 136 -33.52 -2.26 -31.18
N PHE B 137 -32.75 -1.52 -30.38
CA PHE B 137 -31.72 -0.65 -30.97
C PHE B 137 -30.61 -1.48 -31.59
N LEU B 138 -30.09 -2.45 -30.83
CA LEU B 138 -29.05 -3.33 -31.36
C LEU B 138 -29.53 -4.10 -32.59
N ALA B 139 -30.78 -4.53 -32.59
CA ALA B 139 -31.31 -5.25 -33.74
C ALA B 139 -31.53 -4.30 -34.92
N GLN B 140 -32.05 -3.11 -34.65
CA GLN B 140 -32.33 -2.20 -35.75
C GLN B 140 -31.06 -1.61 -36.34
N VAL B 141 -30.05 -1.28 -35.52
CA VAL B 141 -28.91 -0.51 -36.00
C VAL B 141 -27.77 -1.41 -36.47
N GLU B 142 -27.30 -2.29 -35.60
CA GLU B 142 -26.26 -3.24 -35.97
C GLU B 142 -26.80 -4.50 -36.65
N GLY B 143 -28.11 -4.67 -36.72
CA GLY B 143 -28.68 -5.84 -37.38
C GLY B 143 -28.50 -7.14 -36.63
N ALA B 144 -28.41 -7.09 -35.31
CA ALA B 144 -28.20 -8.28 -34.49
C ALA B 144 -29.51 -9.00 -34.20
N VAL B 145 -29.41 -10.30 -33.93
CA VAL B 145 -30.47 -11.04 -33.27
C VAL B 145 -30.13 -11.10 -31.79
N LEU B 146 -31.03 -10.59 -30.96
CA LEU B 146 -30.81 -10.42 -29.53
C LEU B 146 -31.85 -11.20 -28.75
N VAL B 147 -31.38 -11.97 -27.78
CA VAL B 147 -32.21 -12.85 -26.97
C VAL B 147 -32.00 -12.53 -25.50
N SER B 148 -33.09 -12.37 -24.75
CA SER B 148 -33.02 -12.28 -23.30
C SER B 148 -34.07 -13.20 -22.69
N MET B 149 -33.73 -13.82 -21.55
CA MET B 149 -34.59 -14.74 -20.83
C MET B 149 -34.82 -14.27 -19.40
N ASN B 150 -35.87 -14.80 -18.80
CA ASN B 150 -36.07 -14.69 -17.37
C ASN B 150 -35.47 -15.93 -16.73
N TYR B 151 -34.84 -15.77 -15.57
CA TYR B 151 -34.43 -16.92 -14.78
C TYR B 151 -34.89 -16.71 -13.34
N ARG B 152 -35.25 -17.80 -12.67
CA ARG B 152 -35.72 -17.72 -11.30
C ARG B 152 -34.65 -17.10 -10.39
N VAL B 153 -35.06 -16.20 -9.52
CA VAL B 153 -34.16 -15.50 -8.62
C VAL B 153 -34.59 -15.81 -7.19
N GLY B 154 -33.75 -15.37 -6.24
CA GLY B 154 -34.08 -15.52 -4.84
C GLY B 154 -34.18 -16.97 -4.41
N THR B 155 -35.00 -17.22 -3.38
CA THR B 155 -35.22 -18.60 -2.92
C THR B 155 -35.67 -19.51 -4.06
N PHE B 156 -36.45 -18.97 -4.98
CA PHE B 156 -37.00 -19.81 -6.05
C PHE B 156 -35.94 -20.29 -7.01
N GLY B 157 -34.86 -19.53 -7.18
CA GLY B 157 -33.83 -19.92 -8.13
C GLY B 157 -32.65 -20.63 -7.52
N PHE B 158 -32.36 -20.33 -6.25
CA PHE B 158 -31.09 -20.73 -5.68
C PHE B 158 -31.15 -21.27 -4.26
N LEU B 159 -32.33 -21.39 -3.65
CA LEU B 159 -32.40 -22.10 -2.38
C LEU B 159 -32.03 -23.56 -2.59
N ALA B 160 -31.03 -24.03 -1.85
CA ALA B 160 -30.46 -25.36 -2.03
C ALA B 160 -30.33 -26.07 -0.69
N LEU B 161 -30.86 -27.27 -0.61
CA LEU B 161 -30.40 -28.22 0.39
C LEU B 161 -29.51 -29.21 -0.33
N PRO B 162 -28.21 -28.93 -0.42
CA PRO B 162 -27.33 -29.67 -1.34
C PRO B 162 -27.45 -31.17 -1.16
N GLY B 163 -27.39 -31.90 -2.28
CA GLY B 163 -27.48 -33.34 -2.26
C GLY B 163 -28.85 -33.90 -2.00
N SER B 164 -29.84 -33.04 -1.71
CA SER B 164 -31.22 -33.44 -1.81
C SER B 164 -31.59 -33.56 -3.28
N ARG B 165 -32.71 -34.21 -3.54
CA ARG B 165 -33.23 -34.26 -4.90
C ARG B 165 -34.38 -33.30 -5.12
N GLU B 166 -34.95 -32.73 -4.06
CA GLU B 166 -36.08 -31.80 -4.19
C GLU B 166 -35.67 -30.34 -4.30
N ALA B 167 -34.40 -30.03 -4.05
CA ALA B 167 -33.87 -28.68 -3.97
C ALA B 167 -32.35 -28.75 -4.12
N PRO B 168 -31.85 -29.18 -5.28
CA PRO B 168 -30.44 -29.54 -5.40
C PRO B 168 -29.53 -28.35 -5.66
N GLY B 169 -30.12 -27.18 -5.79
CA GLY B 169 -29.46 -25.91 -6.03
C GLY B 169 -29.27 -25.59 -7.50
N ASN B 170 -29.12 -24.30 -7.78
CA ASN B 170 -28.65 -23.72 -9.03
C ASN B 170 -29.70 -23.80 -10.12
N VAL B 171 -30.96 -24.05 -9.77
CA VAL B 171 -31.97 -24.19 -10.81
C VAL B 171 -32.10 -22.89 -11.58
N GLY B 172 -31.82 -21.74 -10.94
CA GLY B 172 -31.77 -20.50 -11.68
C GLY B 172 -30.78 -20.54 -12.82
N LEU B 173 -29.63 -21.18 -12.62
CA LEU B 173 -28.70 -21.30 -13.73
C LEU B 173 -29.17 -22.34 -14.73
N LEU B 174 -29.74 -23.45 -14.24
CA LEU B 174 -30.35 -24.40 -15.16
C LEU B 174 -31.48 -23.78 -15.98
N ASP B 175 -32.09 -22.69 -15.49
CA ASP B 175 -33.04 -21.94 -16.29
C ASP B 175 -32.35 -21.27 -17.47
N GLN B 176 -31.31 -20.47 -17.18
CA GLN B 176 -30.49 -19.88 -18.24
C GLN B 176 -30.00 -20.94 -19.22
N ARG B 177 -29.46 -22.05 -18.70
CA ARG B 177 -28.93 -23.10 -19.56
C ARG B 177 -29.96 -23.57 -20.57
N LEU B 178 -31.19 -23.81 -20.10
CA LEU B 178 -32.24 -24.28 -21.00
C LEU B 178 -32.58 -23.23 -22.05
N ALA B 179 -32.60 -21.95 -21.65
CA ALA B 179 -32.75 -20.89 -22.64
C ALA B 179 -31.66 -20.97 -23.70
N LEU B 180 -30.41 -21.21 -23.28
CA LEU B 180 -29.33 -21.33 -24.24
C LEU B 180 -29.55 -22.50 -25.19
N GLN B 181 -30.09 -23.61 -24.68
CA GLN B 181 -30.39 -24.75 -25.53
CA GLN B 181 -30.41 -24.76 -25.52
C GLN B 181 -31.56 -24.44 -26.46
N TRP B 182 -32.55 -23.68 -25.97
CA TRP B 182 -33.64 -23.23 -26.83
C TRP B 182 -33.12 -22.39 -27.98
N VAL B 183 -32.20 -21.47 -27.69
CA VAL B 183 -31.56 -20.68 -28.74
C VAL B 183 -30.88 -21.59 -29.75
N GLN B 184 -30.22 -22.65 -29.28
CA GLN B 184 -29.53 -23.55 -30.21
C GLN B 184 -30.53 -24.26 -31.11
N GLU B 185 -31.60 -24.78 -30.52
CA GLU B 185 -32.57 -25.57 -31.27
C GLU B 185 -33.40 -24.72 -32.22
N ASN B 186 -33.53 -23.42 -31.97
CA ASN B 186 -34.58 -22.64 -32.61
C ASN B 186 -34.11 -21.37 -33.29
N ILE B 187 -32.97 -20.81 -32.87
CA ILE B 187 -32.65 -19.44 -33.29
C ILE B 187 -32.54 -19.32 -34.81
N ALA B 188 -32.13 -20.41 -35.49
CA ALA B 188 -32.02 -20.36 -36.95
C ALA B 188 -33.34 -20.02 -37.61
N ALA B 189 -34.46 -20.32 -36.95
CA ALA B 189 -35.77 -20.02 -37.52
C ALA B 189 -36.03 -18.53 -37.60
N PHE B 190 -35.36 -17.74 -36.76
CA PHE B 190 -35.47 -16.29 -36.76
C PHE B 190 -34.40 -15.62 -37.61
N GLY B 191 -33.53 -16.40 -38.25
CA GLY B 191 -32.37 -15.88 -38.94
C GLY B 191 -31.12 -15.86 -38.10
N GLY B 192 -31.23 -16.18 -36.81
CA GLY B 192 -30.05 -16.25 -35.96
C GLY B 192 -29.10 -17.36 -36.39
N ASP B 193 -27.80 -17.14 -36.11
CA ASP B 193 -26.74 -18.09 -36.41
C ASP B 193 -26.44 -18.87 -35.13
N PRO B 194 -26.91 -20.11 -34.98
CA PRO B 194 -26.67 -20.83 -33.72
C PRO B 194 -25.21 -21.10 -33.46
N MET B 195 -24.36 -20.96 -34.48
CA MET B 195 -22.93 -21.21 -34.34
C MET B 195 -22.14 -19.94 -34.07
N SER B 196 -22.79 -18.81 -33.84
CA SER B 196 -22.13 -17.60 -33.37
C SER B 196 -23.04 -17.02 -32.29
N VAL B 197 -22.88 -17.50 -31.07
CA VAL B 197 -23.69 -17.06 -29.95
C VAL B 197 -22.76 -16.46 -28.90
N THR B 198 -23.00 -15.20 -28.56
CA THR B 198 -22.24 -14.49 -27.53
C THR B 198 -23.14 -14.24 -26.33
N LEU B 199 -22.77 -14.77 -25.17
CA LEU B 199 -23.43 -14.39 -23.92
C LEU B 199 -22.89 -13.04 -23.44
N PHE B 200 -23.78 -12.17 -22.94
CA PHE B 200 -23.32 -10.98 -22.25
C PHE B 200 -24.28 -10.59 -21.14
N GLY B 201 -23.72 -10.18 -20.00
CA GLY B 201 -24.50 -9.88 -18.81
C GLY B 201 -23.73 -8.99 -17.86
N GLU B 202 -24.46 -8.54 -16.83
CA GLU B 202 -23.94 -7.53 -15.90
C GLU B 202 -24.34 -7.88 -14.46
N SER B 203 -23.45 -7.57 -13.52
CA SER B 203 -23.61 -7.88 -12.08
C SER B 203 -23.83 -9.40 -11.94
N ALA B 204 -24.87 -9.85 -11.23
CA ALA B 204 -25.15 -11.29 -11.14
C ALA B 204 -25.23 -11.94 -12.52
N GLY B 205 -25.65 -11.18 -13.53
CA GLY B 205 -25.63 -11.71 -14.89
C GLY B 205 -24.24 -11.98 -15.40
N ALA B 206 -23.33 -10.98 -15.26
CA ALA B 206 -21.94 -11.20 -15.61
C ALA B 206 -21.37 -12.39 -14.84
N ALA B 207 -21.74 -12.53 -13.57
CA ALA B 207 -21.34 -13.71 -12.79
C ALA B 207 -21.89 -14.99 -13.40
N SER B 208 -23.18 -15.01 -13.80
CA SER B 208 -23.77 -16.20 -14.40
CA SER B 208 -23.75 -16.22 -14.39
C SER B 208 -23.03 -16.58 -15.68
N VAL B 209 -22.79 -15.59 -16.54
CA VAL B 209 -21.99 -15.80 -17.75
C VAL B 209 -20.67 -16.49 -17.39
N GLY B 210 -20.03 -16.02 -16.33
CA GLY B 210 -18.82 -16.70 -15.87
C GLY B 210 -19.06 -18.14 -15.47
N MET B 211 -20.20 -18.42 -14.85
CA MET B 211 -20.46 -19.80 -14.45
C MET B 211 -20.82 -20.70 -15.64
N HIS B 212 -21.28 -20.12 -16.75
CA HIS B 212 -21.41 -20.96 -17.93
C HIS B 212 -20.05 -21.26 -18.54
N ILE B 213 -19.11 -20.29 -18.50
CA ILE B 213 -17.74 -20.59 -18.90
C ILE B 213 -17.17 -21.78 -18.12
N LEU B 214 -17.51 -21.88 -16.84
CA LEU B 214 -16.90 -22.86 -15.95
C LEU B 214 -17.69 -24.16 -15.82
N SER B 215 -18.90 -24.26 -16.41
CA SER B 215 -19.71 -25.47 -16.33
C SER B 215 -19.70 -26.17 -17.70
N LEU B 216 -19.00 -27.30 -17.79
CA LEU B 216 -18.75 -27.88 -19.11
C LEU B 216 -20.01 -28.10 -19.94
N PRO B 217 -21.14 -28.58 -19.39
CA PRO B 217 -22.36 -28.70 -20.21
C PRO B 217 -22.81 -27.41 -20.88
N SER B 218 -22.38 -26.23 -20.41
CA SER B 218 -22.79 -24.97 -21.04
C SER B 218 -21.98 -24.61 -22.25
N ARG B 219 -20.75 -25.16 -22.35
CA ARG B 219 -19.79 -24.73 -23.36
C ARG B 219 -20.25 -25.04 -24.79
N SER B 220 -21.09 -26.05 -24.97
CA SER B 220 -21.54 -26.36 -26.33
C SER B 220 -22.66 -25.44 -26.79
N LEU B 221 -23.03 -24.43 -25.99
CA LEU B 221 -24.14 -23.54 -26.30
C LEU B 221 -23.73 -22.11 -26.54
N PHE B 222 -22.44 -21.79 -26.48
CA PHE B 222 -21.99 -20.45 -26.84
C PHE B 222 -20.52 -20.50 -27.25
N HIS B 223 -20.06 -19.39 -27.82
CA HIS B 223 -18.69 -19.27 -28.31
C HIS B 223 -17.93 -18.06 -27.80
N ARG B 224 -18.60 -16.98 -27.36
CA ARG B 224 -17.95 -15.84 -26.75
C ARG B 224 -18.74 -15.39 -25.52
N ALA B 225 -18.13 -14.54 -24.71
CA ALA B 225 -18.74 -14.10 -23.47
C ALA B 225 -18.34 -12.66 -23.18
N VAL B 226 -19.23 -11.95 -22.52
CA VAL B 226 -18.98 -10.61 -22.03
C VAL B 226 -19.46 -10.58 -20.60
N LEU B 227 -18.61 -10.11 -19.70
CA LEU B 227 -18.91 -10.09 -18.27
C LEU B 227 -18.77 -8.65 -17.83
N GLN B 228 -19.89 -7.96 -17.64
CA GLN B 228 -19.87 -6.56 -17.27
C GLN B 228 -20.06 -6.41 -15.77
N SER B 229 -19.00 -5.99 -15.07
CA SER B 229 -19.09 -5.58 -13.66
C SER B 229 -19.52 -6.73 -12.76
N GLY B 230 -19.01 -7.92 -13.01
CA GLY B 230 -19.40 -9.08 -12.24
C GLY B 230 -18.63 -10.31 -12.70
N THR B 231 -18.45 -11.28 -11.80
CA THR B 231 -17.53 -12.39 -12.01
C THR B 231 -18.05 -13.60 -11.28
N PRO B 232 -17.66 -14.81 -11.69
CA PRO B 232 -17.97 -15.99 -10.87
C PRO B 232 -17.13 -16.10 -9.63
N ASN B 233 -15.89 -15.63 -9.69
CA ASN B 233 -15.03 -15.63 -8.51
C ASN B 233 -15.46 -14.50 -7.59
N GLY B 234 -14.82 -14.42 -6.42
CA GLY B 234 -15.04 -13.28 -5.56
C GLY B 234 -15.95 -13.62 -4.41
N PRO B 235 -16.29 -12.61 -3.61
CA PRO B 235 -16.92 -12.89 -2.31
C PRO B 235 -18.42 -13.10 -2.35
N TRP B 236 -19.13 -12.61 -3.37
CA TRP B 236 -20.58 -12.55 -3.28
C TRP B 236 -21.31 -13.50 -4.21
N ALA B 237 -20.67 -14.06 -5.25
CA ALA B 237 -21.43 -14.75 -6.28
C ALA B 237 -21.69 -16.24 -6.00
N THR B 238 -21.01 -16.84 -5.03
CA THR B 238 -21.23 -18.25 -4.71
C THR B 238 -21.27 -18.45 -3.21
N VAL B 239 -21.80 -19.59 -2.79
CA VAL B 239 -21.69 -20.01 -1.40
C VAL B 239 -21.20 -21.45 -1.42
N SER B 240 -20.69 -21.88 -0.27
CA SER B 240 -20.41 -23.30 -0.11
C SER B 240 -21.72 -24.05 0.12
N ALA B 241 -21.68 -25.35 -0.14
CA ALA B 241 -22.83 -26.20 0.17
C ALA B 241 -23.18 -26.12 1.65
N GLY B 242 -22.16 -26.12 2.53
CA GLY B 242 -22.42 -25.99 3.95
C GLY B 242 -23.21 -24.75 4.29
N GLU B 243 -22.88 -23.62 3.66
CA GLU B 243 -23.51 -22.35 3.98
C GLU B 243 -24.89 -22.20 3.34
N ALA B 244 -25.08 -22.72 2.11
CA ALA B 244 -26.41 -22.71 1.50
C ALA B 244 -27.39 -23.51 2.34
N ARG B 245 -26.97 -24.70 2.76
CA ARG B 245 -27.79 -25.52 3.63
C ARG B 245 -28.14 -24.79 4.90
N ARG B 246 -27.21 -23.98 5.43
CA ARG B 246 -27.49 -23.25 6.66
C ARG B 246 -28.66 -22.29 6.49
N ARG B 247 -28.65 -21.52 5.41
CA ARG B 247 -29.68 -20.49 5.25
C ARG B 247 -31.00 -21.10 4.81
N ALA B 248 -30.95 -22.14 3.99
CA ALA B 248 -32.16 -22.90 3.69
C ALA B 248 -32.83 -23.38 4.99
N THR B 249 -32.12 -24.14 5.82
CA THR B 249 -32.78 -24.58 7.04
C THR B 249 -33.09 -23.42 7.98
N LEU B 250 -32.40 -22.28 7.84
CA LEU B 250 -32.74 -21.14 8.67
C LEU B 250 -34.03 -20.46 8.21
N LEU B 251 -34.18 -20.30 6.89
CA LEU B 251 -35.41 -19.72 6.37
C LEU B 251 -36.60 -20.62 6.67
N ALA B 252 -36.41 -21.93 6.55
CA ALA B 252 -37.49 -22.87 6.86
C ALA B 252 -37.88 -22.76 8.33
N ARG B 253 -36.91 -22.60 9.22
CA ARG B 253 -37.25 -22.36 10.63
C ARG B 253 -38.10 -21.10 10.75
N LEU B 254 -37.75 -20.06 9.98
CA LEU B 254 -38.37 -18.75 10.12
C LEU B 254 -39.80 -18.68 9.58
N VAL B 255 -40.19 -19.59 8.69
CA VAL B 255 -41.55 -19.61 8.17
C VAL B 255 -42.31 -20.84 8.66
N GLY B 256 -41.81 -21.49 9.71
CA GLY B 256 -42.54 -22.51 10.44
C GLY B 256 -42.37 -23.95 10.00
N CYS B 257 -41.27 -24.29 9.33
CA CYS B 257 -41.13 -25.58 8.68
C CYS B 257 -40.14 -26.47 9.48
N ASN B 265 -35.02 -34.09 8.44
CA ASN B 265 -35.18 -34.73 7.13
C ASN B 265 -35.39 -33.70 6.01
N ASP B 266 -34.79 -33.95 4.84
CA ASP B 266 -34.77 -32.95 3.77
C ASP B 266 -36.09 -32.88 3.00
N THR B 267 -36.69 -34.04 2.72
CA THR B 267 -37.89 -34.11 1.88
C THR B 267 -39.07 -33.42 2.52
N GLU B 268 -39.31 -33.70 3.80
CA GLU B 268 -40.39 -33.05 4.52
C GLU B 268 -40.15 -31.55 4.63
N LEU B 269 -38.90 -31.16 4.90
CA LEU B 269 -38.60 -29.73 5.02
C LEU B 269 -38.88 -29.00 3.72
N ILE B 270 -38.45 -29.56 2.58
CA ILE B 270 -38.71 -28.91 1.31
C ILE B 270 -40.19 -28.99 0.93
N ALA B 271 -40.92 -29.98 1.46
CA ALA B 271 -42.34 -30.07 1.17
C ALA B 271 -43.08 -28.87 1.74
N CYS B 272 -42.99 -28.70 3.07
CA CYS B 272 -43.55 -27.56 3.78
C CYS B 272 -43.29 -26.24 3.05
N LEU B 273 -42.04 -26.00 2.64
CA LEU B 273 -41.70 -24.77 1.92
C LEU B 273 -42.52 -24.65 0.64
N ARG B 274 -42.82 -25.77 -0.04
CA ARG B 274 -43.63 -25.70 -1.25
C ARG B 274 -45.03 -25.20 -0.95
N THR B 275 -45.57 -25.52 0.22
CA THR B 275 -46.92 -25.16 0.67
C THR B 275 -46.93 -23.81 1.37
N ARG B 276 -46.29 -22.82 0.78
CA ARG B 276 -46.14 -21.51 1.39
C ARG B 276 -46.26 -20.44 0.33
N PRO B 277 -47.18 -19.48 0.50
CA PRO B 277 -47.29 -18.38 -0.46
C PRO B 277 -45.94 -17.75 -0.76
N ALA B 278 -45.78 -17.22 -1.98
CA ALA B 278 -44.46 -16.75 -2.40
C ALA B 278 -43.93 -15.67 -1.47
N GLN B 279 -44.74 -14.65 -1.19
CA GLN B 279 -44.27 -13.52 -0.40
C GLN B 279 -43.87 -13.94 1.01
N ASP B 280 -44.45 -15.03 1.52
CA ASP B 280 -44.05 -15.57 2.83
C ASP B 280 -42.59 -15.99 2.87
N LEU B 281 -42.01 -16.32 1.71
CA LEU B 281 -40.61 -16.70 1.60
C LEU B 281 -39.71 -15.49 1.39
N VAL B 282 -40.13 -14.57 0.52
CA VAL B 282 -39.41 -13.34 0.28
C VAL B 282 -39.41 -12.44 1.51
N ASP B 283 -40.45 -12.54 2.36
CA ASP B 283 -40.52 -11.78 3.60
C ASP B 283 -39.26 -11.99 4.45
N HIS B 284 -38.80 -13.23 4.55
CA HIS B 284 -37.66 -13.59 5.37
C HIS B 284 -36.39 -13.76 4.56
N GLU B 285 -36.38 -13.31 3.30
CA GLU B 285 -35.25 -13.57 2.42
C GLU B 285 -33.96 -13.02 3.00
N TRP B 286 -33.99 -11.79 3.51
CA TRP B 286 -32.80 -11.08 3.92
C TRP B 286 -32.38 -11.39 5.35
N HIS B 287 -33.15 -12.18 6.08
CA HIS B 287 -32.88 -12.41 7.49
C HIS B 287 -31.97 -13.61 7.74
N VAL B 288 -31.41 -14.23 6.68
CA VAL B 288 -30.57 -15.41 6.83
C VAL B 288 -29.11 -15.12 6.49
N LEU B 289 -28.74 -13.86 6.29
CA LEU B 289 -27.34 -13.53 6.11
C LEU B 289 -26.61 -13.62 7.45
N PRO B 290 -25.36 -14.13 7.46
CA PRO B 290 -24.69 -14.37 8.75
C PRO B 290 -24.15 -13.12 9.42
N GLN B 291 -23.91 -12.05 8.67
CA GLN B 291 -23.43 -10.78 9.21
C GLN B 291 -24.22 -9.64 8.57
N GLU B 292 -24.23 -8.50 9.27
CA GLU B 292 -24.61 -7.24 8.63
C GLU B 292 -23.71 -7.00 7.42
N SER B 293 -24.32 -6.78 6.25
CA SER B 293 -23.57 -6.80 5.01
C SER B 293 -24.07 -5.69 4.09
N ILE B 294 -23.25 -5.37 3.09
CA ILE B 294 -23.70 -4.78 1.84
C ILE B 294 -22.98 -5.54 0.74
N PHE B 295 -23.59 -5.54 -0.44
CA PHE B 295 -23.09 -6.35 -1.54
C PHE B 295 -23.00 -7.81 -1.13
N ARG B 296 -24.02 -8.28 -0.40
CA ARG B 296 -24.12 -9.67 0.00
C ARG B 296 -25.57 -10.13 -0.21
N PHE B 297 -25.76 -11.33 -0.77
CA PHE B 297 -27.09 -11.79 -1.17
C PHE B 297 -27.41 -13.18 -0.60
N SER B 298 -28.69 -13.39 -0.26
CA SER B 298 -29.08 -14.54 0.56
C SER B 298 -29.07 -15.87 -0.23
N PHE B 299 -29.46 -15.87 -1.50
CA PHE B 299 -29.55 -17.12 -2.23
C PHE B 299 -28.95 -16.95 -3.61
N VAL B 300 -27.77 -17.55 -3.79
CA VAL B 300 -26.87 -17.34 -4.93
C VAL B 300 -26.41 -18.72 -5.37
N PRO B 301 -25.73 -18.86 -6.52
CA PRO B 301 -25.25 -20.17 -6.95
C PRO B 301 -24.47 -20.86 -5.85
N VAL B 302 -24.55 -22.19 -5.85
CA VAL B 302 -23.95 -23.02 -4.81
C VAL B 302 -22.86 -23.88 -5.42
N VAL B 303 -21.84 -24.16 -4.63
CA VAL B 303 -20.76 -25.01 -5.12
C VAL B 303 -21.22 -26.43 -4.82
N ASP B 304 -21.84 -27.05 -5.81
CA ASP B 304 -22.57 -28.30 -5.63
C ASP B 304 -21.77 -29.53 -6.00
N GLY B 305 -20.60 -29.37 -6.62
CA GLY B 305 -19.90 -30.48 -7.20
C GLY B 305 -20.55 -31.01 -8.47
N ASP B 306 -21.34 -30.18 -9.14
CA ASP B 306 -22.13 -30.60 -10.30
C ASP B 306 -22.10 -29.50 -11.36
N PHE B 307 -22.97 -28.50 -11.21
CA PHE B 307 -22.86 -27.32 -12.07
C PHE B 307 -21.50 -26.68 -11.91
N LEU B 308 -21.05 -26.54 -10.67
CA LEU B 308 -19.71 -26.08 -10.34
C LEU B 308 -18.96 -27.27 -9.77
N SER B 309 -18.08 -27.86 -10.59
CA SER B 309 -17.34 -29.04 -10.14
C SER B 309 -16.48 -28.72 -8.91
N ASP B 310 -15.90 -27.52 -8.88
CA ASP B 310 -15.16 -27.02 -7.72
C ASP B 310 -15.57 -25.56 -7.53
N THR B 311 -14.87 -24.82 -6.67
CA THR B 311 -15.18 -23.42 -6.52
C THR B 311 -14.75 -22.65 -7.76
N PRO B 312 -15.39 -21.52 -8.05
CA PRO B 312 -14.93 -20.73 -9.21
C PRO B 312 -13.49 -20.33 -9.08
N GLU B 313 -13.06 -19.97 -7.88
CA GLU B 313 -11.66 -19.61 -7.69
CA GLU B 313 -11.66 -19.63 -7.65
C GLU B 313 -10.76 -20.77 -8.06
N ALA B 314 -11.16 -22.01 -7.74
CA ALA B 314 -10.35 -23.17 -8.11
C ALA B 314 -10.39 -23.44 -9.61
N LEU B 315 -11.54 -23.23 -10.25
CA LEU B 315 -11.67 -23.56 -11.67
C LEU B 315 -11.00 -22.54 -12.57
N ILE B 316 -11.10 -21.25 -12.26
CA ILE B 316 -10.33 -20.30 -13.05
C ILE B 316 -8.84 -20.52 -12.84
N ASN B 317 -8.44 -20.86 -11.61
CA ASN B 317 -7.01 -21.09 -11.34
C ASN B 317 -6.46 -22.29 -12.11
N THR B 318 -7.30 -23.06 -12.80
CA THR B 318 -6.88 -24.35 -13.35
C THR B 318 -7.45 -24.71 -14.72
N GLY B 319 -8.47 -24.03 -15.25
CA GLY B 319 -9.08 -24.46 -16.49
C GLY B 319 -8.21 -24.21 -17.72
N ASP B 320 -8.65 -24.76 -18.86
CA ASP B 320 -8.01 -24.53 -20.15
C ASP B 320 -8.96 -23.71 -21.03
N PHE B 321 -8.51 -22.51 -21.44
CA PHE B 321 -9.38 -21.52 -22.08
C PHE B 321 -8.88 -21.08 -23.45
N GLN B 322 -8.25 -21.97 -24.23
CA GLN B 322 -7.57 -21.52 -25.44
C GLN B 322 -8.54 -21.03 -26.50
N ASP B 323 -9.59 -21.79 -26.78
CA ASP B 323 -10.53 -21.41 -27.84
C ASP B 323 -11.61 -20.46 -27.35
N LEU B 324 -11.27 -19.57 -26.40
CA LEU B 324 -12.23 -18.71 -25.72
C LEU B 324 -11.86 -17.25 -25.92
N GLN B 325 -12.87 -16.40 -26.11
CA GLN B 325 -12.67 -14.97 -26.21
C GLN B 325 -13.66 -14.28 -25.30
N VAL B 326 -13.17 -13.30 -24.53
CA VAL B 326 -13.90 -12.73 -23.41
C VAL B 326 -13.73 -11.23 -23.42
N LEU B 327 -14.76 -10.52 -22.97
CA LEU B 327 -14.73 -9.07 -22.83
C LEU B 327 -15.20 -8.74 -21.42
N VAL B 328 -14.34 -8.10 -20.62
CA VAL B 328 -14.58 -7.88 -19.21
C VAL B 328 -14.31 -6.43 -18.87
N GLY B 329 -15.07 -5.91 -17.91
CA GLY B 329 -14.91 -4.50 -17.61
C GLY B 329 -15.67 -4.09 -16.38
N VAL B 330 -15.43 -2.86 -15.99
CA VAL B 330 -15.98 -2.26 -14.77
C VAL B 330 -16.37 -0.83 -15.09
N VAL B 331 -17.16 -0.23 -14.21
CA VAL B 331 -17.43 1.20 -14.32
C VAL B 331 -16.62 1.94 -13.26
N LYS B 332 -16.72 3.28 -13.26
CA LYS B 332 -15.77 4.09 -12.49
C LYS B 332 -16.00 3.97 -10.99
N ASP B 333 -17.24 3.77 -10.56
CA ASP B 333 -17.61 3.84 -9.15
C ASP B 333 -18.49 2.65 -8.74
N GLU B 334 -17.92 1.45 -8.82
CA GLU B 334 -18.72 0.25 -8.60
CA GLU B 334 -18.71 0.23 -8.60
C GLU B 334 -19.41 0.27 -7.24
N GLY B 335 -18.67 0.58 -6.18
CA GLY B 335 -19.21 0.44 -4.83
C GLY B 335 -20.25 1.46 -4.42
N SER B 336 -20.26 2.65 -5.03
CA SER B 336 -21.00 3.77 -4.46
C SER B 336 -22.48 3.44 -4.29
N TYR B 337 -23.08 2.73 -5.26
CA TYR B 337 -24.50 2.42 -5.18
C TYR B 337 -24.87 1.75 -3.85
N PHE B 338 -24.03 0.85 -3.35
CA PHE B 338 -24.39 -0.03 -2.24
C PHE B 338 -24.29 0.64 -0.88
N LEU B 339 -23.65 1.81 -0.79
CA LEU B 339 -23.44 2.37 0.54
C LEU B 339 -24.74 2.88 1.13
N VAL B 340 -25.66 3.38 0.30
CA VAL B 340 -26.92 3.93 0.78
C VAL B 340 -27.84 2.85 1.31
N TYR B 341 -27.48 1.58 1.10
CA TYR B 341 -28.29 0.42 1.44
C TYR B 341 -27.77 -0.30 2.67
N GLY B 342 -27.34 0.44 3.69
CA GLY B 342 -26.87 -0.22 4.88
C GLY B 342 -25.79 0.50 5.67
N VAL B 343 -24.98 1.33 5.02
CA VAL B 343 -23.80 1.92 5.64
C VAL B 343 -24.20 3.23 6.30
N PRO B 344 -24.10 3.35 7.63
CA PRO B 344 -24.51 4.59 8.30
C PRO B 344 -23.72 5.79 7.77
N GLY B 345 -24.42 6.91 7.59
CA GLY B 345 -23.84 8.12 7.05
C GLY B 345 -24.08 8.37 5.56
N PHE B 346 -24.48 7.36 4.80
CA PHE B 346 -24.61 7.51 3.36
C PHE B 346 -26.08 7.61 2.94
N SER B 347 -26.34 8.47 1.97
CA SER B 347 -27.67 8.73 1.46
C SER B 347 -27.56 9.33 0.06
N LYS B 348 -28.63 9.16 -0.72
CA LYS B 348 -28.68 9.81 -2.02
C LYS B 348 -28.99 11.29 -1.92
N ASP B 349 -29.45 11.75 -0.76
CA ASP B 349 -30.05 13.07 -0.65
C ASP B 349 -29.16 14.12 0.01
N ASN B 350 -28.01 13.74 0.57
CA ASN B 350 -26.99 14.70 0.96
C ASN B 350 -25.66 14.25 0.34
N GLU B 351 -24.56 14.90 0.69
CA GLU B 351 -23.26 14.57 0.09
C GLU B 351 -22.56 13.41 0.80
N SER B 352 -23.15 12.88 1.88
CA SER B 352 -22.63 11.68 2.53
C SER B 352 -21.17 11.84 2.94
N LEU B 353 -20.81 13.04 3.39
CA LEU B 353 -19.49 13.24 3.97
C LEU B 353 -19.48 12.58 5.34
N ILE B 354 -18.46 11.75 5.60
CA ILE B 354 -18.45 10.91 6.79
C ILE B 354 -17.19 11.12 7.60
N SER B 355 -17.29 10.81 8.89
CA SER B 355 -16.20 10.87 9.84
C SER B 355 -15.28 9.66 9.67
N ARG B 356 -14.18 9.69 10.43
CA ARG B 356 -13.24 8.57 10.43
C ARG B 356 -13.85 7.34 11.10
N ALA B 357 -14.61 7.55 12.18
CA ALA B 357 -15.20 6.43 12.90
C ALA B 357 -16.26 5.77 12.05
N GLN B 358 -17.07 6.58 11.37
CA GLN B 358 -18.04 6.07 10.41
C GLN B 358 -17.37 5.26 9.32
N PHE B 359 -16.13 5.62 8.95
CA PHE B 359 -15.43 4.87 7.90
C PHE B 359 -14.90 3.55 8.43
N LEU B 360 -14.45 3.52 9.69
CA LEU B 360 -14.09 2.25 10.31
C LEU B 360 -15.29 1.32 10.34
N ALA B 361 -16.46 1.85 10.71
CA ALA B 361 -17.66 1.04 10.85
C ALA B 361 -18.13 0.51 9.50
N GLY B 362 -17.98 1.31 8.44
CA GLY B 362 -18.42 0.88 7.12
C GLY B 362 -17.58 -0.25 6.56
N VAL B 363 -16.28 -0.29 6.90
CA VAL B 363 -15.39 -1.34 6.42
C VAL B 363 -15.81 -2.72 6.96
N ARG B 364 -16.34 -2.79 8.18
CA ARG B 364 -16.79 -4.07 8.72
C ARG B 364 -18.08 -4.58 8.06
N ILE B 365 -18.73 -3.75 7.26
CA ILE B 365 -19.92 -4.15 6.53
C ILE B 365 -19.64 -4.29 5.04
N GLY B 366 -18.80 -3.42 4.49
CA GLY B 366 -18.31 -3.63 3.14
C GLY B 366 -17.49 -4.89 3.04
N VAL B 367 -16.82 -5.26 4.12
CA VAL B 367 -15.99 -6.46 4.16
C VAL B 367 -16.46 -7.28 5.35
N PRO B 368 -17.70 -7.79 5.30
CA PRO B 368 -18.30 -8.39 6.51
C PRO B 368 -17.58 -9.62 7.02
N GLN B 369 -16.83 -10.30 6.15
CA GLN B 369 -16.15 -11.54 6.52
C GLN B 369 -14.84 -11.31 7.24
N ALA B 370 -14.32 -10.08 7.23
CA ALA B 370 -12.94 -9.84 7.61
C ALA B 370 -12.77 -9.78 9.12
N SER B 371 -11.62 -10.25 9.58
CA SER B 371 -11.23 -10.19 10.98
C SER B 371 -10.91 -8.75 11.38
N ASP B 372 -10.74 -8.55 12.69
CA ASP B 372 -10.29 -7.26 13.20
C ASP B 372 -9.01 -6.83 12.48
N LEU B 373 -8.03 -7.73 12.42
CA LEU B 373 -6.75 -7.40 11.80
C LEU B 373 -6.89 -7.08 10.33
N ALA B 374 -7.83 -7.73 9.65
CA ALA B 374 -7.95 -7.54 8.21
C ALA B 374 -8.68 -6.25 7.86
N ALA B 375 -9.59 -5.79 8.71
CA ALA B 375 -10.24 -4.52 8.45
C ALA B 375 -9.33 -3.38 8.83
N GLU B 376 -8.57 -3.57 9.91
CA GLU B 376 -7.40 -2.75 10.17
C GLU B 376 -6.58 -2.58 8.89
N ALA B 377 -6.08 -3.69 8.35
CA ALA B 377 -5.33 -3.66 7.10
C ALA B 377 -6.06 -2.88 6.00
N VAL B 378 -7.37 -3.06 5.86
CA VAL B 378 -8.09 -2.38 4.80
C VAL B 378 -8.16 -0.89 5.08
N VAL B 379 -8.45 -0.52 6.34
CA VAL B 379 -8.52 0.90 6.70
C VAL B 379 -7.17 1.59 6.50
N LEU B 380 -6.09 0.94 6.92
CA LEU B 380 -4.77 1.52 6.77
C LEU B 380 -4.40 1.68 5.30
N HIS B 381 -4.88 0.79 4.44
CA HIS B 381 -4.53 0.87 3.03
C HIS B 381 -5.24 2.01 2.33
N TYR B 382 -6.53 2.20 2.62
CA TYR B 382 -7.37 3.13 1.87
C TYR B 382 -7.39 4.54 2.44
N THR B 383 -6.93 4.71 3.68
CA THR B 383 -6.76 6.06 4.22
C THR B 383 -5.71 6.83 3.41
N ASP B 384 -6.00 8.09 3.15
CA ASP B 384 -5.04 9.01 2.51
C ASP B 384 -4.26 9.70 3.64
N TRP B 385 -3.11 9.13 4.00
CA TRP B 385 -2.40 9.57 5.20
C TRP B 385 -1.91 11.01 5.11
N LEU B 386 -2.17 11.68 3.99
CA LEU B 386 -1.98 13.12 3.94
C LEU B 386 -3.21 13.87 4.47
N HIS B 387 -4.40 13.29 4.28
CA HIS B 387 -5.67 13.87 4.71
C HIS B 387 -6.51 12.78 5.36
N PRO B 388 -6.06 12.26 6.50
CA PRO B 388 -6.69 11.05 7.08
C PRO B 388 -8.06 11.28 7.67
N GLU B 389 -8.47 12.53 7.90
CA GLU B 389 -9.78 12.82 8.46
C GLU B 389 -10.69 13.54 7.49
N ASP B 390 -10.21 13.84 6.29
CA ASP B 390 -10.97 14.60 5.32
C ASP B 390 -12.29 13.90 5.01
N PRO B 391 -13.42 14.53 5.27
CA PRO B 391 -14.71 13.88 4.97
C PRO B 391 -14.82 13.36 3.55
N THR B 392 -14.33 14.08 2.53
CA THR B 392 -14.54 13.64 1.15
C THR B 392 -13.65 12.45 0.79
N HIS B 393 -12.41 12.42 1.28
CA HIS B 393 -11.56 11.28 0.95
C HIS B 393 -12.08 10.01 1.59
N LEU B 394 -12.66 10.11 2.79
CA LEU B 394 -13.22 8.93 3.46
C LEU B 394 -14.47 8.44 2.75
N ARG B 395 -15.37 9.36 2.38
CA ARG B 395 -16.53 8.98 1.58
C ARG B 395 -16.10 8.25 0.32
N ASP B 396 -15.17 8.83 -0.45
CA ASP B 396 -14.73 8.20 -1.69
C ASP B 396 -13.99 6.90 -1.45
N ALA B 397 -13.30 6.77 -0.30
CA ALA B 397 -12.56 5.55 -0.02
C ALA B 397 -13.49 4.41 0.37
N MET B 398 -14.52 4.71 1.15
CA MET B 398 -15.53 3.70 1.48
C MET B 398 -16.15 3.11 0.21
N SER B 399 -16.48 3.97 -0.76
CA SER B 399 -17.02 3.50 -2.04
C SER B 399 -16.00 2.68 -2.82
N ALA B 400 -14.73 3.03 -2.71
CA ALA B 400 -13.68 2.28 -3.39
C ALA B 400 -13.44 0.92 -2.73
N VAL B 401 -13.44 0.88 -1.39
CA VAL B 401 -13.35 -0.41 -0.70
C VAL B 401 -14.42 -1.35 -1.20
N VAL B 402 -15.67 -0.88 -1.21
CA VAL B 402 -16.78 -1.74 -1.61
C VAL B 402 -16.64 -2.11 -3.08
N GLY B 403 -16.25 -1.14 -3.93
CA GLY B 403 -16.14 -1.41 -5.36
C GLY B 403 -15.00 -2.35 -5.71
N ASP B 404 -13.84 -2.15 -5.06
CA ASP B 404 -12.68 -2.97 -5.36
C ASP B 404 -12.82 -4.38 -4.82
N HIS B 405 -13.24 -4.49 -3.57
CA HIS B 405 -13.41 -5.80 -2.96
C HIS B 405 -14.38 -6.67 -3.76
N ASN B 406 -15.42 -6.08 -4.34
CA ASN B 406 -16.51 -6.89 -4.89
C ASN B 406 -16.52 -6.98 -6.42
N VAL B 407 -16.01 -5.98 -7.13
CA VAL B 407 -16.00 -6.08 -8.60
C VAL B 407 -14.59 -5.91 -9.18
N VAL B 408 -13.98 -4.72 -9.03
CA VAL B 408 -12.73 -4.41 -9.75
C VAL B 408 -11.68 -5.49 -9.53
N CYS B 409 -11.52 -5.95 -8.30
CA CYS B 409 -10.39 -6.83 -8.11
C CYS B 409 -10.70 -8.25 -8.58
N PRO B 410 -11.90 -8.80 -8.31
CA PRO B 410 -12.28 -10.05 -9.00
C PRO B 410 -12.20 -9.96 -10.51
N VAL B 411 -12.64 -8.86 -11.10
CA VAL B 411 -12.52 -8.73 -12.55
C VAL B 411 -11.05 -8.77 -12.97
N ALA B 412 -10.17 -8.20 -12.14
CA ALA B 412 -8.76 -8.22 -12.50
C ALA B 412 -8.13 -9.59 -12.28
N GLN B 413 -8.59 -10.33 -11.27
CA GLN B 413 -8.11 -11.71 -11.09
C GLN B 413 -8.64 -12.64 -12.19
N LEU B 414 -9.91 -12.50 -12.61
CA LEU B 414 -10.40 -13.36 -13.69
C LEU B 414 -9.72 -13.04 -15.00
N ALA B 415 -9.55 -11.74 -15.31
CA ALA B 415 -8.85 -11.37 -16.53
C ALA B 415 -7.45 -11.93 -16.54
N GLY B 416 -6.76 -11.85 -15.41
CA GLY B 416 -5.40 -12.38 -15.35
C GLY B 416 -5.37 -13.87 -15.58
N ARG B 417 -6.26 -14.61 -14.92
CA ARG B 417 -6.25 -16.07 -15.06
C ARG B 417 -6.66 -16.48 -16.47
N LEU B 418 -7.70 -15.86 -17.03
CA LEU B 418 -8.11 -16.20 -18.38
C LEU B 418 -7.00 -15.92 -19.40
N ALA B 419 -6.46 -14.69 -19.41
CA ALA B 419 -5.42 -14.34 -20.38
C ALA B 419 -4.22 -15.28 -20.27
N ALA B 420 -3.84 -15.61 -19.04
CA ALA B 420 -2.67 -16.47 -18.83
C ALA B 420 -2.90 -17.87 -19.37
N GLN B 421 -4.13 -18.39 -19.25
CA GLN B 421 -4.39 -19.77 -19.63
C GLN B 421 -5.13 -19.89 -20.95
N GLY B 422 -4.69 -19.14 -21.97
CA GLY B 422 -5.05 -19.40 -23.35
C GLY B 422 -6.13 -18.51 -23.92
N ALA B 423 -6.87 -17.79 -23.08
CA ALA B 423 -8.00 -17.04 -23.57
C ALA B 423 -7.56 -15.71 -24.14
N ARG B 424 -8.45 -15.13 -24.92
CA ARG B 424 -8.26 -13.85 -25.57
C ARG B 424 -9.16 -12.86 -24.82
N VAL B 425 -8.53 -11.93 -24.09
CA VAL B 425 -9.25 -11.06 -23.16
C VAL B 425 -9.15 -9.63 -23.64
N TYR B 426 -10.28 -8.92 -23.57
CA TYR B 426 -10.36 -7.50 -23.86
C TYR B 426 -11.00 -6.84 -22.66
N ALA B 427 -10.32 -5.87 -22.06
CA ALA B 427 -10.76 -5.30 -20.80
C ALA B 427 -10.99 -3.81 -20.94
N TYR B 428 -12.02 -3.33 -20.24
CA TYR B 428 -12.40 -1.92 -20.33
C TYR B 428 -12.63 -1.37 -18.93
N ILE B 429 -12.74 -0.04 -18.86
CA ILE B 429 -13.29 0.66 -17.71
C ILE B 429 -14.18 1.79 -18.22
N PHE B 430 -15.46 1.74 -17.86
CA PHE B 430 -16.45 2.66 -18.38
C PHE B 430 -16.53 3.89 -17.48
N GLU B 431 -16.14 5.06 -18.01
CA GLU B 431 -15.93 6.25 -17.17
C GLU B 431 -16.90 7.39 -17.41
N HIS B 432 -17.93 7.20 -18.22
CA HIS B 432 -18.84 8.30 -18.55
C HIS B 432 -20.08 8.24 -17.66
N ARG B 433 -20.46 9.38 -17.10
CA ARG B 433 -21.64 9.48 -16.25
C ARG B 433 -22.80 10.06 -17.06
N ALA B 434 -23.92 9.34 -17.07
CA ALA B 434 -25.07 9.75 -17.85
C ALA B 434 -25.49 11.17 -17.49
N SER B 435 -25.76 11.98 -18.52
CA SER B 435 -26.26 13.32 -18.29
C SER B 435 -27.66 13.32 -17.71
N THR B 436 -28.40 12.22 -17.86
CA THR B 436 -29.74 12.08 -17.32
C THR B 436 -29.77 11.46 -15.93
N LEU B 437 -28.61 11.03 -15.41
CA LEU B 437 -28.58 10.25 -14.18
C LEU B 437 -29.24 10.99 -13.03
N THR B 438 -30.00 10.25 -12.24
CA THR B 438 -30.83 10.82 -11.18
C THR B 438 -30.21 10.65 -9.80
N TRP B 439 -29.16 9.85 -9.69
CA TRP B 439 -28.39 9.73 -8.47
C TRP B 439 -27.53 10.98 -8.24
N PRO B 440 -27.13 11.24 -6.99
CA PRO B 440 -26.34 12.43 -6.68
C PRO B 440 -24.95 12.37 -7.30
N LEU B 441 -24.31 13.55 -7.33
CA LEU B 441 -23.04 13.68 -8.03
C LEU B 441 -21.94 12.85 -7.39
N TRP B 442 -22.00 12.64 -6.08
CA TRP B 442 -20.89 11.98 -5.40
C TRP B 442 -20.83 10.49 -5.70
N MET B 443 -21.92 9.89 -6.19
CA MET B 443 -21.89 8.48 -6.49
C MET B 443 -21.17 8.18 -7.80
N GLY B 444 -20.72 9.22 -8.51
CA GLY B 444 -19.92 9.01 -9.71
C GLY B 444 -20.71 8.32 -10.82
N VAL B 445 -20.08 7.32 -11.42
CA VAL B 445 -20.72 6.38 -12.35
C VAL B 445 -21.02 5.09 -11.57
N PRO B 446 -22.25 4.86 -11.14
CA PRO B 446 -22.51 3.72 -10.25
C PRO B 446 -22.62 2.41 -11.00
N HIS B 447 -22.52 1.33 -10.23
CA HIS B 447 -22.83 -0.03 -10.68
C HIS B 447 -24.07 -0.04 -11.56
N GLY B 448 -23.88 -0.44 -12.82
CA GLY B 448 -25.01 -0.71 -13.69
C GLY B 448 -25.39 0.36 -14.69
N TYR B 449 -24.65 1.48 -14.76
CA TYR B 449 -25.04 2.56 -15.64
C TYR B 449 -24.21 2.68 -16.91
N GLU B 450 -23.46 1.64 -17.25
CA GLU B 450 -23.04 1.44 -18.63
C GLU B 450 -24.13 0.78 -19.48
N ILE B 451 -25.10 0.11 -18.84
CA ILE B 451 -26.01 -0.75 -19.58
C ILE B 451 -26.84 0.06 -20.56
N GLU B 452 -27.39 1.20 -20.11
CA GLU B 452 -28.23 1.99 -21.01
C GLU B 452 -27.50 2.38 -22.29
N PHE B 453 -26.16 2.51 -22.24
CA PHE B 453 -25.38 2.88 -23.42
C PHE B 453 -25.03 1.71 -24.31
N ILE B 454 -24.79 0.52 -23.75
CA ILE B 454 -24.56 -0.67 -24.57
C ILE B 454 -25.84 -1.08 -25.31
N PHE B 455 -27.01 -0.89 -24.70
CA PHE B 455 -28.25 -1.24 -25.38
C PHE B 455 -28.74 -0.13 -26.30
N GLY B 456 -28.06 1.00 -26.33
CA GLY B 456 -28.32 2.04 -27.32
C GLY B 456 -29.45 3.00 -27.00
N LEU B 457 -29.88 3.08 -25.76
CA LEU B 457 -31.00 3.95 -25.40
C LEU B 457 -30.87 5.40 -25.83
N PRO B 458 -29.68 6.05 -25.77
CA PRO B 458 -29.57 7.44 -26.26
C PRO B 458 -30.10 7.71 -27.67
N LEU B 459 -30.21 6.66 -28.49
CA LEU B 459 -30.74 6.83 -29.83
C LEU B 459 -32.23 7.17 -29.81
N ASP B 460 -32.93 6.82 -28.76
CA ASP B 460 -34.29 7.28 -28.54
C ASP B 460 -34.26 8.77 -28.25
N PRO B 461 -34.79 9.63 -29.13
CA PRO B 461 -34.62 11.08 -28.92
C PRO B 461 -35.45 11.64 -27.78
N SER B 462 -36.56 10.97 -27.44
CA SER B 462 -37.41 11.38 -26.33
C SER B 462 -36.76 11.13 -24.98
N LEU B 463 -35.63 10.44 -24.95
CA LEU B 463 -34.92 10.19 -23.71
C LEU B 463 -33.98 11.33 -23.34
N ASN B 464 -33.93 12.39 -24.15
CA ASN B 464 -33.30 13.65 -23.78
C ASN B 464 -31.81 13.48 -23.45
N TYR B 465 -31.15 12.49 -24.06
CA TYR B 465 -29.71 12.38 -24.03
C TYR B 465 -29.06 13.42 -24.94
N THR B 466 -27.80 13.73 -24.66
CA THR B 466 -27.03 14.70 -25.45
C THR B 466 -26.52 14.07 -26.76
N THR B 467 -26.25 14.93 -27.74
CA THR B 467 -25.84 14.45 -29.06
C THR B 467 -24.58 13.60 -28.98
N GLU B 468 -23.60 14.03 -28.19
CA GLU B 468 -22.38 13.24 -28.04
C GLU B 468 -22.68 11.89 -27.38
N GLU B 469 -23.67 11.84 -26.49
CA GLU B 469 -24.02 10.57 -25.87
C GLU B 469 -24.65 9.60 -26.87
N ARG B 470 -25.43 10.12 -27.82
CA ARG B 470 -25.88 9.30 -28.93
C ARG B 470 -24.70 8.73 -29.70
N ILE B 471 -23.76 9.59 -30.10
CA ILE B 471 -22.56 9.15 -30.82
C ILE B 471 -21.78 8.12 -30.00
N PHE B 472 -21.69 8.35 -28.68
CA PHE B 472 -20.94 7.46 -27.82
C PHE B 472 -21.61 6.09 -27.73
N ALA B 473 -22.94 6.07 -27.65
CA ALA B 473 -23.64 4.79 -27.59
C ALA B 473 -23.44 3.99 -28.86
N GLN B 474 -23.45 4.67 -30.02
CA GLN B 474 -23.24 3.94 -31.26
C GLN B 474 -21.83 3.36 -31.32
N ARG B 475 -20.85 4.05 -30.73
CA ARG B 475 -19.52 3.50 -30.65
C ARG B 475 -19.49 2.23 -29.83
N LEU B 476 -20.17 2.24 -28.68
CA LEU B 476 -20.17 1.06 -27.82
C LEU B 476 -20.92 -0.10 -28.46
N MET B 477 -22.06 0.19 -29.09
CA MET B 477 -22.78 -0.87 -29.77
C MET B 477 -21.89 -1.57 -30.78
N LYS B 478 -21.04 -0.82 -31.48
CA LYS B 478 -20.12 -1.44 -32.43
C LYS B 478 -19.09 -2.30 -31.72
N TYR B 479 -18.54 -1.84 -30.61
CA TYR B 479 -17.56 -2.66 -29.90
C TYR B 479 -18.17 -4.01 -29.54
N TRP B 480 -19.39 -4.00 -28.99
CA TRP B 480 -20.02 -5.23 -28.52
C TRP B 480 -20.41 -6.13 -29.69
N THR B 481 -21.06 -5.57 -30.73
CA THR B 481 -21.48 -6.41 -31.85
C THR B 481 -20.27 -6.91 -32.62
N ASN B 482 -19.26 -6.05 -32.83
CA ASN B 482 -18.02 -6.49 -33.44
C ASN B 482 -17.39 -7.59 -32.62
N PHE B 483 -17.52 -7.50 -31.30
CA PHE B 483 -17.00 -8.58 -30.48
C PHE B 483 -17.75 -9.87 -30.77
N ALA B 484 -19.09 -9.79 -30.84
CA ALA B 484 -19.90 -10.97 -31.12
C ALA B 484 -19.54 -11.61 -32.46
N ARG B 485 -19.38 -10.81 -33.52
CA ARG B 485 -19.13 -11.39 -34.83
C ARG B 485 -17.73 -11.98 -34.96
N THR B 486 -16.78 -11.51 -34.16
CA THR B 486 -15.39 -11.79 -34.45
C THR B 486 -14.58 -12.27 -33.25
N GLY B 487 -15.02 -11.99 -32.04
CA GLY B 487 -14.14 -12.13 -30.89
C GLY B 487 -13.22 -10.94 -30.66
N ASP B 488 -13.29 -9.91 -31.51
CA ASP B 488 -12.39 -8.75 -31.44
C ASP B 488 -13.25 -7.49 -31.55
N PRO B 489 -13.29 -6.64 -30.52
CA PRO B 489 -14.19 -5.48 -30.55
C PRO B 489 -13.75 -4.36 -31.49
N ASN B 490 -12.69 -4.57 -32.25
CA ASN B 490 -12.16 -3.52 -33.08
C ASN B 490 -12.85 -3.54 -34.43
N ASP B 491 -13.36 -2.38 -34.84
CA ASP B 491 -13.85 -2.15 -36.19
C ASP B 491 -12.81 -2.64 -37.21
N PRO B 492 -13.16 -3.62 -38.06
CA PRO B 492 -12.22 -4.06 -39.10
C PRO B 492 -12.09 -3.08 -40.26
N ARG B 493 -12.79 -1.95 -40.17
CA ARG B 493 -12.76 -0.87 -41.15
C ARG B 493 -12.01 0.37 -40.66
N ASP B 494 -12.22 0.77 -39.41
CA ASP B 494 -11.46 1.87 -38.81
C ASP B 494 -9.97 1.57 -38.90
N SER B 495 -9.26 2.38 -39.69
CA SER B 495 -7.81 2.28 -39.86
C SER B 495 -7.05 3.27 -38.99
N LYS B 496 -7.71 3.85 -37.98
CA LYS B 496 -7.14 4.90 -37.15
C LYS B 496 -6.50 4.30 -35.89
N SER B 497 -5.42 4.96 -35.42
CA SER B 497 -4.41 4.30 -34.58
C SER B 497 -4.93 3.74 -33.27
N PRO B 498 -5.52 4.53 -32.34
CA PRO B 498 -5.96 3.93 -31.08
C PRO B 498 -6.90 2.75 -31.33
N GLN B 499 -6.35 1.54 -31.18
CA GLN B 499 -7.08 0.29 -31.22
C GLN B 499 -7.13 -0.30 -29.82
N TRP B 500 -8.16 -1.10 -29.57
CA TRP B 500 -8.32 -1.81 -28.31
C TRP B 500 -7.39 -3.01 -28.29
N PRO B 501 -6.37 -3.04 -27.43
CA PRO B 501 -5.45 -4.17 -27.42
C PRO B 501 -5.92 -5.24 -26.48
N PRO B 502 -5.57 -6.51 -26.75
CA PRO B 502 -5.89 -7.60 -25.81
C PRO B 502 -5.24 -7.38 -24.45
N TYR B 503 -6.01 -7.66 -23.40
CA TYR B 503 -5.46 -7.72 -22.05
C TYR B 503 -4.51 -8.91 -21.95
N THR B 504 -3.33 -8.67 -21.43
CA THR B 504 -2.28 -9.66 -21.34
C THR B 504 -1.79 -9.71 -19.89
N THR B 505 -1.12 -10.80 -19.53
CA THR B 505 -0.51 -10.80 -18.21
C THR B 505 0.72 -9.90 -18.18
N ALA B 506 1.47 -9.85 -19.29
CA ALA B 506 2.72 -9.09 -19.30
C ALA B 506 2.47 -7.59 -19.27
N ALA B 507 1.65 -7.08 -20.21
CA ALA B 507 1.44 -5.64 -20.35
C ALA B 507 0.17 -5.14 -19.66
N GLN B 508 -0.78 -6.01 -19.35
CA GLN B 508 -1.98 -5.65 -18.58
C GLN B 508 -2.70 -4.41 -19.13
N GLN B 509 -2.90 -4.40 -20.45
CA GLN B 509 -3.58 -3.28 -21.12
C GLN B 509 -5.11 -3.40 -21.07
N TYR B 510 -5.76 -2.28 -20.74
CA TYR B 510 -7.21 -2.12 -20.87
C TYR B 510 -7.47 -0.73 -21.45
N VAL B 511 -8.69 -0.51 -21.92
CA VAL B 511 -9.03 0.79 -22.49
C VAL B 511 -10.09 1.44 -21.62
N SER B 512 -10.25 2.73 -21.81
CA SER B 512 -11.27 3.50 -21.10
C SER B 512 -12.37 3.87 -22.07
N LEU B 513 -13.61 3.60 -21.68
CA LEU B 513 -14.78 3.99 -22.47
C LEU B 513 -15.34 5.28 -21.86
N ASN B 514 -15.37 6.34 -22.65
CA ASN B 514 -15.96 7.62 -22.29
C ASN B 514 -16.05 8.44 -23.56
N LEU B 515 -16.33 9.74 -23.41
CA LEU B 515 -16.65 10.56 -24.58
C LEU B 515 -15.44 10.77 -25.49
N LYS B 516 -14.23 10.87 -24.92
CA LYS B 516 -13.02 11.05 -25.72
C LYS B 516 -12.62 9.74 -26.38
N PRO B 517 -11.83 9.79 -27.46
CA PRO B 517 -11.41 8.54 -28.13
C PRO B 517 -10.79 7.53 -27.18
N LEU B 518 -10.78 6.26 -27.58
CA LEU B 518 -10.15 5.20 -26.81
C LEU B 518 -8.76 5.62 -26.34
N GLU B 519 -8.48 5.38 -25.06
CA GLU B 519 -7.15 5.56 -24.50
C GLU B 519 -6.73 4.26 -23.80
N VAL B 520 -5.48 3.87 -23.99
CA VAL B 520 -4.98 2.59 -23.50
C VAL B 520 -4.18 2.82 -22.23
N ARG B 521 -4.60 2.18 -21.14
CA ARG B 521 -3.90 2.21 -19.88
C ARG B 521 -3.42 0.82 -19.49
N ARG B 522 -2.39 0.78 -18.64
CA ARG B 522 -1.79 -0.44 -18.16
C ARG B 522 -2.07 -0.61 -16.67
N GLY B 523 -2.34 -1.86 -16.28
CA GLY B 523 -2.56 -2.22 -14.90
C GLY B 523 -3.91 -1.78 -14.38
N LEU B 524 -4.77 -2.75 -14.12
CA LEU B 524 -6.15 -2.48 -13.71
C LEU B 524 -6.20 -2.46 -12.19
N ARG B 525 -5.95 -1.28 -11.62
CA ARG B 525 -5.83 -1.08 -10.18
C ARG B 525 -4.86 -2.12 -9.57
N ALA B 526 -3.62 -2.11 -10.09
CA ALA B 526 -2.74 -3.24 -9.89
C ALA B 526 -2.27 -3.36 -8.45
N GLN B 527 -1.71 -2.29 -7.87
CA GLN B 527 -1.18 -2.40 -6.51
C GLN B 527 -2.27 -2.74 -5.52
N THR B 528 -3.46 -2.14 -5.69
CA THR B 528 -4.55 -2.33 -4.74
C THR B 528 -5.17 -3.73 -4.87
N CYS B 529 -5.19 -4.30 -6.07
CA CYS B 529 -5.75 -5.64 -6.19
C CYS B 529 -4.73 -6.71 -5.81
N ALA B 530 -3.44 -6.41 -5.92
CA ALA B 530 -2.47 -7.30 -5.31
C ALA B 530 -2.74 -7.41 -3.82
N PHE B 531 -3.04 -6.27 -3.18
CA PHE B 531 -3.46 -6.29 -1.78
C PHE B 531 -4.66 -7.22 -1.58
N TRP B 532 -5.69 -7.06 -2.42
CA TRP B 532 -6.93 -7.82 -2.20
C TRP B 532 -6.78 -9.27 -2.61
N ASN B 533 -6.18 -9.54 -3.78
CA ASN B 533 -6.16 -10.91 -4.30
C ASN B 533 -4.99 -11.73 -3.78
N ARG B 534 -3.88 -11.09 -3.44
CA ARG B 534 -2.71 -11.83 -3.00
C ARG B 534 -2.55 -11.83 -1.48
N PHE B 535 -2.58 -10.66 -0.82
CA PHE B 535 -2.16 -10.60 0.58
C PHE B 535 -3.31 -10.88 1.55
N LEU B 536 -4.48 -10.29 1.32
CA LEU B 536 -5.56 -10.47 2.29
C LEU B 536 -5.93 -11.93 2.51
N PRO B 537 -6.05 -12.77 1.47
CA PRO B 537 -6.21 -14.21 1.72
C PRO B 537 -5.19 -14.81 2.67
N LYS B 538 -3.90 -14.48 2.53
CA LYS B 538 -2.89 -15.01 3.45
C LYS B 538 -3.20 -14.61 4.87
N LEU B 539 -3.86 -13.46 5.04
CA LEU B 539 -4.04 -12.86 6.36
C LEU B 539 -5.08 -13.59 7.17
N LEU B 540 -6.32 -13.60 6.68
CA LEU B 540 -7.41 -14.24 7.43
C LEU B 540 -7.07 -15.68 7.78
N SER B 541 -6.53 -16.43 6.82
CA SER B 541 -6.18 -17.84 7.01
C SER B 541 -4.90 -18.01 7.83
N ALA B 542 -4.81 -17.32 8.96
CA ALA B 542 -3.62 -17.32 9.82
C ALA B 542 -3.88 -16.47 11.06
#